data_7VMV
#
_entry.id   7VMV
#
_cell.length_a   259.984
_cell.length_b   259.984
_cell.length_c   259.984
_cell.angle_alpha   90.000
_cell.angle_beta   90.000
_cell.angle_gamma   90.000
#
_symmetry.space_group_name_H-M   'F 2 3'
#
loop_
_entity.id
_entity.type
_entity.pdbx_description
1 polymer 'Core protein'
2 polymer 'Core protein'
#
loop_
_entity_poly.entity_id
_entity_poly.type
_entity_poly.pdbx_seq_one_letter_code
_entity_poly.pdbx_strand_id
1 'polypeptide(L)'
;MSYYHHHHHHDYDIPTTENLYFQGAMGSADLSLEKAANVQWDEMADITGSSPIIEVKQDEDGSFSIRDIEETNMIAQVKT
QR
;
A,C,E,G
2 'polypeptide(L)'
;SGALWDVPSPAATQKATLSEGVYRIMQRGLFGKTQVGVGIHMAGVFHTMWHVTRGSVICHETGRLEPSWADVRNDMISYG
GGWRLGDKWDKEEDVQVLAIEPGKNPKHVQTKPGLFKTLTGEIGAVTLDFKPGTSGSPIINKKGKVIGLYGNGVVTKSGD
YVSAITQAERIGEPDYEVDED
;
B,D,F,H
#
# COMPACT_ATOMS: atom_id res chain seq x y z
N MET A 26 -70.09 30.32 36.73
CA MET A 26 -69.55 29.42 35.72
C MET A 26 -69.20 28.07 36.33
N GLY A 27 -68.72 27.15 35.48
CA GLY A 27 -68.41 25.81 35.94
C GLY A 27 -67.53 25.05 34.97
N SER A 28 -66.28 24.79 35.37
CA SER A 28 -65.36 24.00 34.57
C SER A 28 -64.22 23.51 35.46
N ALA A 29 -63.47 22.54 34.94
CA ALA A 29 -62.34 21.95 35.65
C ALA A 29 -61.52 21.08 34.71
N ASP A 30 -60.28 21.45 34.42
CA ASP A 30 -59.45 20.71 33.46
C ASP A 30 -58.15 20.21 34.05
N LEU A 31 -57.30 21.09 34.60
CA LEU A 31 -55.95 20.72 35.00
C LEU A 31 -55.46 21.57 36.17
N SER A 32 -54.74 20.92 37.10
CA SER A 32 -54.22 21.56 38.29
C SER A 32 -52.70 21.65 38.24
N LEU A 33 -52.13 22.43 39.17
CA LEU A 33 -50.70 22.64 39.26
C LEU A 33 -50.16 22.09 40.58
N GLU A 34 -48.93 21.60 40.53
CA GLU A 34 -48.25 21.07 41.71
C GLU A 34 -46.77 21.41 41.59
N LYS A 35 -46.28 22.31 42.44
CA LYS A 35 -44.89 22.73 42.37
C LYS A 35 -43.97 21.59 42.80
N ALA A 36 -42.85 21.46 42.10
CA ALA A 36 -41.94 20.35 42.36
C ALA A 36 -40.52 20.80 42.66
N ALA A 37 -40.01 21.82 41.97
CA ALA A 37 -38.64 22.26 42.17
C ALA A 37 -38.50 23.70 41.68
N ASN A 38 -37.30 24.25 41.84
CA ASN A 38 -36.97 25.58 41.38
C ASN A 38 -35.79 25.51 40.42
N VAL A 39 -35.67 26.54 39.58
CA VAL A 39 -34.63 26.60 38.56
C VAL A 39 -33.27 26.82 39.21
N GLN A 40 -32.49 25.75 39.32
CA GLN A 40 -31.14 25.82 39.89
C GLN A 40 -30.26 24.82 39.14
N TRP A 41 -29.00 25.20 38.96
CA TRP A 41 -28.02 24.34 38.30
C TRP A 41 -27.36 23.43 39.31
N ASP A 42 -27.52 22.11 39.13
CA ASP A 42 -26.90 21.12 40.01
C ASP A 42 -25.56 20.73 39.41
N GLU A 43 -24.48 21.11 40.09
CA GLU A 43 -23.14 20.83 39.55
C GLU A 43 -22.77 19.35 39.66
N MET A 44 -23.41 18.61 40.57
CA MET A 44 -23.11 17.19 40.76
C MET A 44 -23.99 16.29 39.91
N ALA A 45 -24.49 16.77 38.78
CA ALA A 45 -25.31 15.96 37.91
C ALA A 45 -24.44 15.13 36.97
N ASP A 46 -24.91 13.93 36.63
CA ASP A 46 -24.18 13.06 35.74
C ASP A 46 -24.25 13.57 34.30
N ILE A 47 -23.16 13.35 33.56
CA ILE A 47 -23.07 13.77 32.16
C ILE A 47 -23.10 12.57 31.21
N THR A 48 -23.68 11.45 31.66
CA THR A 48 -23.73 10.25 30.82
C THR A 48 -24.79 10.41 29.74
N GLY A 49 -24.51 9.84 28.57
CA GLY A 49 -25.44 9.93 27.46
C GLY A 49 -25.43 11.24 26.72
N SER A 50 -24.27 11.92 26.68
CA SER A 50 -24.16 13.25 26.09
C SER A 50 -23.72 13.15 24.64
N SER A 51 -24.59 12.58 23.83
CA SER A 51 -24.32 12.42 22.41
C SER A 51 -24.67 13.70 21.65
N PRO A 52 -23.70 14.36 21.01
CA PRO A 52 -24.00 15.55 20.21
C PRO A 52 -24.37 15.19 18.77
N ILE A 53 -25.46 14.44 18.63
CA ILE A 53 -25.87 13.93 17.33
C ILE A 53 -26.38 15.07 16.45
N ILE A 54 -26.22 14.91 15.14
CA ILE A 54 -26.67 15.88 14.15
C ILE A 54 -27.86 15.28 13.41
N GLU A 55 -29.03 15.90 13.55
CA GLU A 55 -30.28 15.35 13.03
C GLU A 55 -30.79 16.19 11.86
N VAL A 56 -30.92 15.56 10.69
CA VAL A 56 -31.41 16.22 9.49
C VAL A 56 -32.87 15.84 9.30
N LYS A 57 -33.77 16.79 9.52
CA LYS A 57 -35.20 16.60 9.37
C LYS A 57 -35.66 17.24 8.06
N GLN A 58 -36.38 16.48 7.25
CA GLN A 58 -36.91 17.01 6.00
C GLN A 58 -38.22 16.32 5.68
N ASP A 59 -38.98 16.94 4.77
CA ASP A 59 -40.27 16.44 4.33
C ASP A 59 -40.34 16.56 2.81
N GLU A 60 -40.97 15.58 2.16
CA GLU A 60 -41.10 15.65 0.71
C GLU A 60 -42.53 15.64 0.21
N ASP A 61 -43.35 14.68 0.64
CA ASP A 61 -44.71 14.55 0.11
C ASP A 61 -45.70 14.35 1.25
N GLY A 62 -45.79 15.33 2.14
CA GLY A 62 -46.66 15.23 3.30
C GLY A 62 -46.12 14.41 4.44
N SER A 63 -45.17 13.51 4.19
CA SER A 63 -44.50 12.81 5.28
C SER A 63 -43.27 13.60 5.70
N PHE A 64 -42.64 13.15 6.80
CA PHE A 64 -41.45 13.76 7.35
C PHE A 64 -40.37 12.70 7.50
N SER A 65 -39.19 12.98 6.99
CA SER A 65 -38.08 12.04 7.04
C SER A 65 -36.98 12.67 7.88
N ILE A 66 -36.62 12.01 8.97
CA ILE A 66 -35.65 12.53 9.93
C ILE A 66 -34.55 11.50 10.09
N ARG A 67 -33.34 11.85 9.68
CA ARG A 67 -32.17 11.01 9.90
C ARG A 67 -31.31 11.62 11.01
N ASP A 68 -30.65 10.76 11.77
CA ASP A 68 -29.78 11.20 12.86
C ASP A 68 -28.38 10.67 12.60
N ILE A 69 -27.42 11.56 12.51
CA ILE A 69 -26.04 11.21 12.23
C ILE A 69 -25.22 11.36 13.50
N GLU A 70 -24.82 10.25 14.10
CA GLU A 70 -23.90 10.33 15.22
C GLU A 70 -22.48 10.22 14.70
N GLU A 71 -21.57 10.91 15.38
CA GLU A 71 -20.17 11.01 15.01
C GLU A 71 -19.35 10.52 16.19
N THR A 72 -19.28 9.19 16.35
CA THR A 72 -18.55 8.62 17.47
C THR A 72 -17.07 8.58 17.15
N ASN A 73 -16.26 8.85 18.17
CA ASN A 73 -14.80 8.83 18.03
C ASN A 73 -14.28 7.41 17.95
N MET A 74 -13.21 7.25 17.16
CA MET A 74 -12.68 5.94 16.83
C MET A 74 -11.16 6.00 16.88
N ILE A 75 -10.56 5.15 17.72
CA ILE A 75 -9.11 4.99 17.79
C ILE A 75 -8.74 3.71 17.04
N ALA A 76 -7.69 3.77 16.24
CA ALA A 76 -7.29 2.63 15.44
C ALA A 76 -6.89 1.44 16.31
N GLN A 77 -7.18 0.25 15.81
CA GLN A 77 -6.87 -0.98 16.52
C GLN A 77 -6.69 -2.10 15.50
N VAL A 78 -5.73 -2.97 15.75
CA VAL A 78 -5.47 -4.15 14.93
C VAL A 78 -5.85 -5.40 15.70
N LYS A 79 -6.12 -6.47 14.97
CA LYS A 79 -6.47 -7.76 15.56
C LYS A 79 -5.24 -8.64 15.76
N LEU B 18 -48.21 30.92 41.44
CA LEU B 18 -48.01 32.31 41.82
C LEU B 18 -46.53 32.57 42.11
N SER B 19 -45.86 31.57 42.68
CA SER B 19 -44.44 31.69 43.00
C SER B 19 -43.60 31.13 41.86
N GLU B 20 -42.44 31.75 41.65
CA GLU B 20 -41.55 31.32 40.57
C GLU B 20 -40.94 29.96 40.89
N GLY B 21 -40.98 29.06 39.91
CA GLY B 21 -40.42 27.74 40.09
C GLY B 21 -40.86 26.81 38.98
N VAL B 22 -40.65 25.52 39.20
CA VAL B 22 -41.02 24.48 38.28
C VAL B 22 -42.24 23.76 38.85
N TYR B 23 -43.27 23.56 38.02
CA TYR B 23 -44.54 23.03 38.47
C TYR B 23 -44.92 21.80 37.66
N ARG B 24 -45.48 20.80 38.36
CA ARG B 24 -46.08 19.65 37.69
C ARG B 24 -47.48 19.99 37.23
N ILE B 25 -47.82 19.57 36.02
CA ILE B 25 -49.12 19.83 35.43
C ILE B 25 -49.94 18.56 35.56
N MET B 26 -50.87 18.55 36.51
CA MET B 26 -51.67 17.39 36.85
C MET B 26 -53.06 17.48 36.23
N GLN B 27 -53.64 16.32 35.93
CA GLN B 27 -54.99 16.24 35.37
C GLN B 27 -55.82 15.28 36.21
N ARG B 28 -56.89 15.79 36.81
CA ARG B 28 -57.76 14.96 37.64
C ARG B 28 -58.54 13.97 36.79
N GLY B 29 -58.59 12.72 37.24
CA GLY B 29 -59.33 11.69 36.52
C GLY B 29 -60.10 10.76 37.45
N LEU B 30 -60.52 9.60 36.94
CA LEU B 30 -61.25 8.66 37.78
C LEU B 30 -60.38 8.13 38.91
N PHE B 31 -59.08 8.01 38.68
CA PHE B 31 -58.16 7.46 39.67
C PHE B 31 -57.24 8.53 40.27
N GLY B 32 -57.72 9.76 40.31
CA GLY B 32 -56.95 10.87 40.82
C GLY B 32 -56.24 11.65 39.73
N LYS B 33 -55.27 12.45 40.16
CA LYS B 33 -54.53 13.33 39.27
C LYS B 33 -53.28 12.64 38.74
N THR B 34 -53.03 12.80 37.43
CA THR B 34 -51.88 12.24 36.75
C THR B 34 -51.07 13.37 36.12
N GLN B 35 -49.75 13.31 36.28
CA GLN B 35 -48.87 14.31 35.68
C GLN B 35 -48.83 14.11 34.17
N VAL B 36 -49.38 15.07 33.43
CA VAL B 36 -49.35 15.02 31.98
C VAL B 36 -48.20 15.84 31.41
N GLY B 37 -47.61 16.72 32.19
CA GLY B 37 -46.51 17.52 31.70
C GLY B 37 -45.92 18.36 32.81
N VAL B 38 -44.99 19.21 32.40
CA VAL B 38 -44.25 20.06 33.32
C VAL B 38 -44.30 21.48 32.79
N GLY B 39 -44.30 22.45 33.69
CA GLY B 39 -44.29 23.84 33.31
C GLY B 39 -43.44 24.65 34.28
N ILE B 40 -43.00 25.81 33.80
CA ILE B 40 -42.15 26.71 34.56
C ILE B 40 -42.85 28.05 34.67
N HIS B 41 -43.04 28.52 35.89
CA HIS B 41 -43.56 29.85 36.16
C HIS B 41 -42.36 30.74 36.50
N MET B 42 -42.09 31.72 35.64
CA MET B 42 -40.99 32.64 35.86
C MET B 42 -41.40 34.01 35.38
N ALA B 43 -40.98 35.04 36.12
CA ALA B 43 -41.32 36.43 35.81
C ALA B 43 -42.83 36.60 35.67
N GLY B 44 -43.60 35.84 36.46
CA GLY B 44 -45.04 35.94 36.49
C GLY B 44 -45.81 35.27 35.36
N VAL B 45 -45.16 34.53 34.47
CA VAL B 45 -45.83 33.84 33.38
C VAL B 45 -45.51 32.35 33.47
N PHE B 46 -46.53 31.53 33.27
CA PHE B 46 -46.36 30.08 33.30
C PHE B 46 -46.10 29.58 31.89
N HIS B 47 -44.94 28.97 31.67
CA HIS B 47 -44.52 28.49 30.37
C HIS B 47 -44.54 26.97 30.36
N THR B 48 -45.13 26.39 29.31
CA THR B 48 -45.16 24.93 29.16
C THR B 48 -45.28 24.59 27.67
N MET B 49 -45.47 23.31 27.39
CA MET B 49 -45.57 22.81 26.01
CA MET B 49 -45.56 22.84 26.00
C MET B 49 -47.02 22.78 25.55
N TRP B 50 -47.21 22.97 24.24
CA TRP B 50 -48.55 22.99 23.69
C TRP B 50 -49.25 21.64 23.83
N HIS B 51 -48.61 20.57 23.36
CA HIS B 51 -49.25 19.26 23.39
C HIS B 51 -49.57 18.79 24.79
N VAL B 52 -48.96 19.39 25.81
CA VAL B 52 -49.26 19.00 27.19
C VAL B 52 -50.65 19.47 27.59
N THR B 53 -50.86 20.79 27.60
CA THR B 53 -52.12 21.35 28.08
C THR B 53 -53.13 21.59 26.97
N ARG B 54 -52.67 21.75 25.72
CA ARG B 54 -53.53 21.99 24.57
C ARG B 54 -54.51 23.15 24.81
N GLY B 55 -54.06 24.15 25.56
CA GLY B 55 -54.83 25.35 25.80
C GLY B 55 -55.77 25.30 26.99
N SER B 56 -55.94 24.13 27.61
CA SER B 56 -56.83 24.04 28.76
C SER B 56 -56.33 24.91 29.90
N VAL B 57 -57.26 25.60 30.57
CA VAL B 57 -56.88 26.46 31.68
C VAL B 57 -56.36 25.62 32.84
N ILE B 58 -55.41 26.18 33.58
CA ILE B 58 -54.83 25.52 34.74
C ILE B 58 -55.20 26.31 35.98
N CYS B 59 -55.76 25.64 36.98
CA CYS B 59 -56.13 26.26 38.25
C CYS B 59 -55.24 25.79 39.38
N HIS B 60 -55.00 26.68 40.33
CA HIS B 60 -54.24 26.42 41.54
C HIS B 60 -54.98 27.11 42.70
N GLU B 61 -54.51 26.91 43.93
CA GLU B 61 -55.10 27.57 45.10
C GLU B 61 -55.47 29.02 44.80
N THR B 62 -54.48 29.84 44.46
CA THR B 62 -54.69 31.26 44.15
C THR B 62 -55.77 31.50 43.08
N GLY B 63 -55.79 30.68 42.03
CA GLY B 63 -56.68 30.99 40.93
C GLY B 63 -56.31 30.22 39.67
N ARG B 64 -57.13 30.43 38.64
CA ARG B 64 -57.04 29.72 37.37
C ARG B 64 -56.24 30.52 36.35
N LEU B 65 -55.25 29.88 35.74
CA LEU B 65 -54.42 30.46 34.69
C LEU B 65 -55.06 30.32 33.32
N GLU B 66 -55.11 31.42 32.56
CA GLU B 66 -55.63 31.39 31.20
C GLU B 66 -54.51 31.58 30.18
N PRO B 67 -54.53 30.85 29.07
CA PRO B 67 -53.45 30.96 28.09
C PRO B 67 -53.40 32.32 27.43
N SER B 68 -52.22 32.68 26.94
CA SER B 68 -52.03 33.99 26.29
C SER B 68 -51.37 33.90 24.92
N TRP B 69 -50.52 32.90 24.71
CA TRP B 69 -49.78 32.78 23.46
C TRP B 69 -49.40 31.33 23.23
N ALA B 70 -49.36 30.92 21.96
CA ALA B 70 -49.03 29.55 21.64
C ALA B 70 -48.37 29.47 20.27
N ASP B 71 -47.57 28.42 20.09
CA ASP B 71 -46.92 28.14 18.80
C ASP B 71 -47.05 26.64 18.57
N VAL B 72 -48.09 26.25 17.83
CA VAL B 72 -48.39 24.83 17.68
C VAL B 72 -47.33 24.13 16.84
N ARG B 73 -46.65 24.88 15.96
CA ARG B 73 -45.62 24.24 15.15
C ARG B 73 -44.39 23.94 15.98
N ASN B 74 -44.12 24.76 16.99
CA ASN B 74 -42.96 24.57 17.86
C ASN B 74 -43.35 24.02 19.22
N ASP B 75 -44.64 23.71 19.44
CA ASP B 75 -45.11 23.02 20.64
C ASP B 75 -44.81 23.83 21.91
N MET B 76 -45.28 25.08 21.92
CA MET B 76 -45.10 25.95 23.07
C MET B 76 -46.38 26.75 23.32
N ILE B 77 -46.62 27.05 24.60
CA ILE B 77 -47.79 27.82 25.01
C ILE B 77 -47.47 28.51 26.33
N SER B 78 -47.93 29.75 26.48
CA SER B 78 -47.72 30.53 27.69
C SER B 78 -49.05 30.90 28.32
N TYR B 79 -49.04 31.06 29.64
CA TYR B 79 -50.23 31.37 30.42
C TYR B 79 -50.01 32.67 31.19
N GLY B 80 -50.95 33.60 31.03
CA GLY B 80 -50.89 34.86 31.75
C GLY B 80 -49.90 35.86 31.21
N GLY B 81 -49.61 35.81 29.91
CA GLY B 81 -48.69 36.74 29.30
C GLY B 81 -47.83 36.12 28.23
N GLY B 82 -46.99 36.94 27.59
CA GLY B 82 -46.12 36.44 26.53
C GLY B 82 -44.94 35.66 27.08
N TRP B 83 -44.24 35.02 26.15
CA TRP B 83 -43.07 34.22 26.49
C TRP B 83 -41.97 35.12 27.01
N ARG B 84 -41.63 35.00 28.29
CA ARG B 84 -40.59 35.80 28.89
C ARG B 84 -39.24 35.10 28.97
N LEU B 85 -39.18 33.81 28.65
CA LEU B 85 -37.92 33.08 28.68
C LEU B 85 -37.15 33.46 27.42
N GLY B 86 -36.20 34.39 27.58
CA GLY B 86 -35.47 34.92 26.45
C GLY B 86 -34.13 34.26 26.23
N ASP B 87 -33.59 33.67 27.29
CA ASP B 87 -32.28 33.04 27.21
C ASP B 87 -32.33 31.82 26.30
N LYS B 88 -31.50 31.83 25.26
CA LYS B 88 -31.36 30.72 24.34
C LYS B 88 -30.02 30.02 24.57
N TRP B 89 -29.89 28.82 24.01
CA TRP B 89 -28.68 28.04 24.18
C TRP B 89 -27.61 28.49 23.19
N ASP B 90 -26.41 28.74 23.70
CA ASP B 90 -25.27 28.99 22.84
C ASP B 90 -24.65 27.66 22.45
N LYS B 91 -24.28 27.55 21.16
CA LYS B 91 -23.73 26.30 20.65
C LYS B 91 -22.47 25.93 21.43
N GLU B 92 -22.22 24.62 21.53
CA GLU B 92 -21.02 24.10 22.17
C GLU B 92 -20.94 24.49 23.64
N GLU B 93 -22.08 24.42 24.33
CA GLU B 93 -22.14 24.65 25.77
C GLU B 93 -23.01 23.57 26.41
N ASP B 94 -22.53 23.01 27.52
CA ASP B 94 -23.28 21.96 28.20
C ASP B 94 -24.53 22.53 28.88
N VAL B 95 -25.59 21.73 28.90
CA VAL B 95 -26.86 22.12 29.50
C VAL B 95 -27.28 21.03 30.48
N GLN B 96 -28.23 21.40 31.33
CA GLN B 96 -28.84 20.46 32.27
C GLN B 96 -30.35 20.46 32.09
N VAL B 97 -30.94 19.28 32.20
CA VAL B 97 -32.38 19.09 32.13
C VAL B 97 -32.88 18.77 33.53
N LEU B 98 -33.77 19.61 34.05
CA LEU B 98 -34.37 19.39 35.37
C LEU B 98 -35.61 18.54 35.15
N ALA B 99 -35.37 17.25 34.93
CA ALA B 99 -36.45 16.34 34.58
C ALA B 99 -37.37 16.12 35.78
N ILE B 100 -38.66 16.41 35.59
CA ILE B 100 -39.66 16.15 36.61
C ILE B 100 -40.44 14.91 36.21
N GLU B 101 -39.90 13.74 36.54
CA GLU B 101 -40.57 12.50 36.18
C GLU B 101 -41.79 12.30 37.08
N PRO B 102 -42.88 11.76 36.54
CA PRO B 102 -44.11 11.61 37.33
C PRO B 102 -43.87 10.68 38.53
N GLY B 103 -44.20 11.19 39.72
CA GLY B 103 -44.04 10.42 40.94
C GLY B 103 -42.65 10.50 41.53
N LYS B 104 -41.63 10.43 40.67
CA LYS B 104 -40.26 10.49 41.14
C LYS B 104 -39.85 11.93 41.46
N ASN B 105 -38.82 12.06 42.28
CA ASN B 105 -38.32 13.36 42.65
C ASN B 105 -37.62 14.02 41.46
N PRO B 106 -37.46 15.34 41.51
CA PRO B 106 -36.73 16.03 40.44
C PRO B 106 -35.32 15.47 40.29
N LYS B 107 -34.88 15.38 39.04
CA LYS B 107 -33.58 14.79 38.71
C LYS B 107 -32.88 15.70 37.72
N HIS B 108 -31.64 16.06 38.04
CA HIS B 108 -30.81 16.89 37.17
C HIS B 108 -29.84 16.02 36.39
N VAL B 109 -29.82 16.19 35.07
CA VAL B 109 -28.92 15.46 34.20
C VAL B 109 -28.29 16.45 33.22
N GLN B 110 -26.97 16.39 33.08
CA GLN B 110 -26.21 17.27 32.22
C GLN B 110 -25.85 16.55 30.92
N THR B 111 -25.82 17.32 29.83
CA THR B 111 -25.53 16.76 28.51
C THR B 111 -24.90 17.83 27.63
N LYS B 112 -24.20 17.37 26.58
CA LYS B 112 -23.68 18.24 25.53
C LYS B 112 -24.61 18.17 24.33
N PRO B 113 -25.44 19.19 24.09
CA PRO B 113 -26.49 19.05 23.07
C PRO B 113 -25.92 18.95 21.67
N GLY B 114 -26.68 18.29 20.81
CA GLY B 114 -26.38 18.22 19.40
C GLY B 114 -27.05 19.34 18.64
N LEU B 115 -27.36 19.06 17.38
CA LEU B 115 -28.03 20.03 16.53
C LEU B 115 -29.16 19.37 15.77
N PHE B 116 -30.25 20.11 15.59
CA PHE B 116 -31.38 19.70 14.77
C PHE B 116 -31.25 20.46 13.46
N LYS B 117 -30.65 19.82 12.46
CA LYS B 117 -30.47 20.47 11.16
C LYS B 117 -31.80 20.48 10.45
N THR B 118 -32.45 21.65 10.42
CA THR B 118 -33.73 21.83 9.78
C THR B 118 -33.71 23.13 9.00
N LEU B 119 -34.60 23.22 8.03
CA LEU B 119 -34.85 24.52 7.42
C LEU B 119 -35.29 25.46 8.54
N THR B 120 -34.89 26.72 8.44
CA THR B 120 -35.20 27.80 9.40
C THR B 120 -34.33 27.82 10.64
N GLY B 121 -33.19 27.14 10.72
CA GLY B 121 -32.37 27.28 11.91
C GLY B 121 -31.86 25.96 12.43
N GLU B 122 -31.14 26.07 13.54
CA GLU B 122 -30.46 24.96 14.20
C GLU B 122 -30.93 24.94 15.65
N ILE B 123 -31.52 23.82 16.06
CA ILE B 123 -32.05 23.69 17.40
C ILE B 123 -31.23 22.65 18.16
N GLY B 124 -30.93 22.96 19.42
CA GLY B 124 -30.14 22.05 20.22
C GLY B 124 -30.83 20.70 20.37
N ALA B 125 -30.03 19.63 20.37
CA ALA B 125 -30.53 18.27 20.40
C ALA B 125 -30.05 17.60 21.69
N VAL B 126 -30.98 17.35 22.60
CA VAL B 126 -30.70 16.71 23.88
C VAL B 126 -31.02 15.22 23.75
N THR B 127 -30.03 14.37 24.02
CA THR B 127 -30.15 12.93 23.85
C THR B 127 -30.75 12.23 25.07
N LEU B 128 -31.15 12.99 26.09
CA LEU B 128 -31.70 12.37 27.29
C LEU B 128 -33.10 11.84 27.03
N ASP B 129 -33.37 10.64 27.54
CA ASP B 129 -34.65 9.95 27.36
C ASP B 129 -35.26 9.73 28.74
N PHE B 130 -36.10 10.67 29.17
CA PHE B 130 -36.77 10.54 30.45
C PHE B 130 -38.13 9.87 30.27
N LYS B 131 -38.82 9.63 31.38
CA LYS B 131 -40.11 8.96 31.32
C LYS B 131 -41.17 9.90 30.73
N PRO B 132 -42.19 9.35 30.09
CA PRO B 132 -43.28 10.19 29.58
C PRO B 132 -43.95 10.99 30.70
N GLY B 133 -44.46 12.16 30.32
CA GLY B 133 -44.98 13.11 31.28
C GLY B 133 -44.01 14.21 31.66
N THR B 134 -42.74 14.05 31.32
CA THR B 134 -41.73 15.06 31.58
C THR B 134 -41.76 16.20 30.57
N SER B 135 -42.66 16.16 29.59
CA SER B 135 -42.73 17.20 28.58
C SER B 135 -42.93 18.56 29.23
N GLY B 136 -41.96 19.45 29.02
CA GLY B 136 -41.94 20.74 29.66
C GLY B 136 -40.89 20.89 30.73
N SER B 137 -40.07 19.86 30.98
CA SER B 137 -39.02 20.00 31.97
C SER B 137 -38.02 21.05 31.52
N PRO B 138 -37.59 21.93 32.41
CA PRO B 138 -36.73 23.04 32.00
C PRO B 138 -35.35 22.58 31.61
N ILE B 139 -34.77 23.27 30.63
CA ILE B 139 -33.39 23.10 30.22
C ILE B 139 -32.63 24.33 30.67
N ILE B 140 -31.66 24.13 31.56
CA ILE B 140 -31.00 25.23 32.26
C ILE B 140 -29.55 25.32 31.81
N ASN B 141 -29.06 26.54 31.65
CA ASN B 141 -27.66 26.77 31.35
C ASN B 141 -26.88 26.92 32.65
N LYS B 142 -25.56 27.08 32.53
CA LYS B 142 -24.70 27.18 33.72
C LYS B 142 -25.08 28.36 34.60
N LYS B 143 -25.63 29.43 34.01
CA LYS B 143 -25.99 30.61 34.78
C LYS B 143 -27.26 30.42 35.62
N GLY B 144 -27.88 29.23 35.57
CA GLY B 144 -29.07 28.99 36.35
C GLY B 144 -30.33 29.59 35.77
N LYS B 145 -30.41 29.71 34.45
CA LYS B 145 -31.58 30.27 33.79
C LYS B 145 -32.07 29.31 32.72
N VAL B 146 -33.38 29.30 32.50
CA VAL B 146 -33.99 28.36 31.58
C VAL B 146 -33.74 28.79 30.14
N ILE B 147 -33.18 27.88 29.35
CA ILE B 147 -32.87 28.14 27.94
C ILE B 147 -33.70 27.28 27.01
N GLY B 148 -34.60 26.47 27.53
CA GLY B 148 -35.44 25.63 26.68
C GLY B 148 -36.30 24.71 27.51
N LEU B 149 -37.12 23.94 26.80
CA LEU B 149 -38.03 22.99 27.42
C LEU B 149 -37.84 21.60 26.82
N TYR B 150 -37.83 20.59 27.69
CA TYR B 150 -37.70 19.21 27.29
C TYR B 150 -39.07 18.62 27.00
N GLY B 151 -39.17 17.80 25.96
CA GLY B 151 -40.42 17.12 25.68
C GLY B 151 -40.71 16.90 24.21
N ASN B 152 -40.45 17.91 23.39
CA ASN B 152 -40.71 17.82 21.95
C ASN B 152 -39.44 17.33 21.27
N GLY B 153 -39.49 16.14 20.70
CA GLY B 153 -38.33 15.56 20.06
C GLY B 153 -38.70 14.47 19.07
N VAL B 154 -37.81 13.49 18.93
CA VAL B 154 -37.95 12.43 17.95
C VAL B 154 -37.34 11.15 18.52
N VAL B 155 -37.90 10.00 18.12
CA VAL B 155 -37.40 8.68 18.53
C VAL B 155 -36.88 7.94 17.31
N THR B 156 -35.84 7.13 17.52
CA THR B 156 -35.31 6.30 16.46
C THR B 156 -36.04 4.95 16.44
N LYS B 157 -35.68 4.10 15.49
CA LYS B 157 -36.27 2.77 15.41
C LYS B 157 -35.91 2.00 16.66
N SER B 158 -36.74 2.08 17.69
CA SER B 158 -36.51 1.42 18.98
C SER B 158 -35.25 1.94 19.65
N GLY B 159 -34.82 3.16 19.31
CA GLY B 159 -33.59 3.72 19.80
C GLY B 159 -33.79 4.83 20.81
N ASP B 160 -32.74 5.61 21.02
CA ASP B 160 -32.69 6.63 22.07
C ASP B 160 -33.44 7.88 21.65
N TYR B 161 -34.52 8.18 22.38
CA TYR B 161 -35.25 9.43 22.19
C TYR B 161 -34.31 10.63 22.25
N VAL B 162 -34.57 11.63 21.40
CA VAL B 162 -33.83 12.87 21.42
C VAL B 162 -34.82 14.02 21.47
N SER B 163 -34.62 14.96 22.38
CA SER B 163 -35.51 16.10 22.53
C SER B 163 -34.82 17.37 22.08
N ALA B 164 -35.56 18.22 21.38
CA ALA B 164 -35.05 19.50 20.95
C ALA B 164 -35.16 20.52 22.07
N ILE B 165 -34.15 21.38 22.19
CA ILE B 165 -34.19 22.47 23.16
C ILE B 165 -35.26 23.44 22.68
N THR B 166 -36.45 23.34 23.26
CA THR B 166 -37.60 24.11 22.80
C THR B 166 -37.56 25.49 23.42
N GLN B 167 -37.33 26.51 22.58
CA GLN B 167 -37.27 27.90 23.00
C GLN B 167 -38.06 28.72 22.00
N ALA B 168 -38.61 29.84 22.47
CA ALA B 168 -39.53 30.64 21.64
C ALA B 168 -38.82 31.54 20.63
N GLU B 169 -38.25 32.65 21.10
CA GLU B 169 -37.58 33.57 20.20
C GLU B 169 -36.35 32.93 19.55
N ARG B 170 -35.86 33.59 18.49
CA ARG B 170 -34.69 33.14 17.72
C ARG B 170 -34.93 31.77 17.10
N ILE B 171 -36.17 31.52 16.66
CA ILE B 171 -36.50 30.24 16.05
C ILE B 171 -36.06 30.14 14.60
N GLY B 172 -35.65 31.25 13.99
CA GLY B 172 -35.22 31.25 12.60
C GLY B 172 -34.15 32.28 12.31
N GLU B 173 -33.65 32.92 13.35
CA GLU B 173 -32.64 33.94 13.17
C GLU B 173 -31.26 33.30 13.04
N PRO B 174 -30.33 33.98 12.37
CA PRO B 174 -28.98 33.41 12.19
C PRO B 174 -28.17 33.32 13.47
N ASP B 175 -28.43 34.19 14.45
CA ASP B 175 -27.73 34.19 15.73
C ASP B 175 -26.24 34.49 15.58
N TYR B 176 -25.87 35.25 14.53
CA TYR B 176 -24.51 35.72 14.37
C TYR B 176 -24.41 37.13 13.79
N GLU B 177 -25.53 37.79 13.52
CA GLU B 177 -25.52 39.09 12.87
C GLU B 177 -25.26 40.19 13.89
N VAL B 178 -25.13 41.43 13.38
CA VAL B 178 -24.89 42.59 14.23
C VAL B 178 -26.16 43.39 14.50
N ASP B 179 -27.30 42.97 13.96
CA ASP B 179 -28.56 43.66 14.16
C ASP B 179 -29.44 42.90 15.17
N GLU B 180 -30.28 43.65 15.87
CA GLU B 180 -31.18 43.07 16.87
C GLU B 180 -32.43 43.92 17.08
N ALA C 29 44.84 17.22 20.12
CA ALA C 29 44.26 17.43 18.80
C ALA C 29 44.32 16.16 17.95
N ASP C 30 43.30 15.95 17.14
CA ASP C 30 43.17 14.75 16.31
C ASP C 30 43.04 15.08 14.84
N LEU C 31 42.08 15.94 14.48
CA LEU C 31 41.77 16.22 13.09
C LEU C 31 41.26 17.65 12.98
N SER C 32 41.69 18.34 11.93
CA SER C 32 41.38 19.74 11.69
C SER C 32 40.47 19.88 10.46
N LEU C 33 39.99 21.10 10.25
CA LEU C 33 39.10 21.42 9.14
C LEU C 33 39.78 22.35 8.15
N GLU C 34 39.41 22.20 6.88
CA GLU C 34 39.96 22.99 5.79
C GLU C 34 38.83 23.26 4.80
N LYS C 35 38.39 24.52 4.71
CA LYS C 35 37.29 24.86 3.82
C LYS C 35 37.69 24.71 2.36
N ALA C 36 36.77 24.19 1.56
CA ALA C 36 37.10 23.93 0.17
C ALA C 36 36.13 24.58 -0.82
N ALA C 37 34.84 24.60 -0.52
CA ALA C 37 33.86 25.15 -1.46
C ALA C 37 32.60 25.53 -0.68
N ASN C 38 31.62 26.07 -1.41
CA ASN C 38 30.33 26.43 -0.86
C ASN C 38 29.22 25.70 -1.60
N VAL C 39 28.07 25.59 -0.94
CA VAL C 39 26.92 24.87 -1.48
C VAL C 39 26.33 25.63 -2.66
N GLN C 40 26.61 25.18 -3.88
CA GLN C 40 26.10 25.81 -5.08
C GLN C 40 25.81 24.75 -6.13
N TRP C 41 24.75 24.96 -6.91
CA TRP C 41 24.38 24.04 -7.97
C TRP C 41 25.08 24.45 -9.27
N ASP C 42 25.91 23.56 -9.81
CA ASP C 42 26.63 23.80 -11.06
C ASP C 42 25.81 23.22 -12.21
N GLU C 43 25.26 24.09 -13.06
CA GLU C 43 24.44 23.62 -14.17
C GLU C 43 25.26 23.00 -15.29
N MET C 44 26.55 23.35 -15.41
CA MET C 44 27.42 22.83 -16.44
C MET C 44 28.14 21.54 -16.02
N ALA C 45 27.56 20.78 -15.10
CA ALA C 45 28.17 19.56 -14.62
C ALA C 45 27.85 18.39 -15.55
N ASP C 46 28.80 17.46 -15.66
CA ASP C 46 28.59 16.30 -16.51
C ASP C 46 27.60 15.33 -15.85
N ILE C 47 26.83 14.66 -16.70
CA ILE C 47 25.83 13.70 -16.24
C ILE C 47 26.27 12.29 -16.60
N THR C 48 27.58 12.09 -16.74
CA THR C 48 28.10 10.78 -17.10
C THR C 48 28.06 9.83 -15.91
N GLY C 49 27.73 8.57 -16.18
CA GLY C 49 27.65 7.58 -15.11
C GLY C 49 26.40 7.69 -14.28
N SER C 50 25.30 8.15 -14.87
CA SER C 50 24.06 8.42 -14.15
C SER C 50 23.09 7.24 -14.24
N SER C 51 23.51 6.11 -13.68
CA SER C 51 22.68 4.90 -13.70
C SER C 51 21.70 4.93 -12.53
N PRO C 52 20.38 4.94 -12.76
CA PRO C 52 19.41 4.85 -11.65
C PRO C 52 19.04 3.40 -11.33
N ILE C 53 20.06 2.62 -10.95
CA ILE C 53 19.86 1.20 -10.68
C ILE C 53 19.11 1.00 -9.37
N ILE C 54 18.30 -0.05 -9.31
CA ILE C 54 17.55 -0.43 -8.11
C ILE C 54 18.16 -1.73 -7.60
N GLU C 55 18.74 -1.70 -6.40
CA GLU C 55 19.48 -2.84 -5.88
C GLU C 55 18.70 -3.51 -4.75
N VAL C 56 18.40 -4.79 -4.93
CA VAL C 56 17.66 -5.60 -3.96
C VAL C 56 18.65 -6.47 -3.20
N LYS C 57 19.40 -5.84 -2.28
CA LYS C 57 20.38 -6.55 -1.49
C LYS C 57 19.70 -7.39 -0.42
N GLN C 58 19.99 -8.70 -0.40
CA GLN C 58 19.29 -9.64 0.47
C GLN C 58 20.26 -10.36 1.40
N ASP C 59 19.72 -10.97 2.45
CA ASP C 59 20.51 -11.70 3.44
C ASP C 59 19.87 -13.04 3.76
N GLU C 60 20.72 -14.06 3.89
CA GLU C 60 20.32 -15.39 4.35
C GLU C 60 21.15 -15.75 5.57
N ASP C 61 20.67 -16.74 6.33
CA ASP C 61 21.37 -17.13 7.55
C ASP C 61 22.66 -17.87 7.26
N GLY C 62 22.79 -18.48 6.08
CA GLY C 62 23.99 -19.22 5.71
C GLY C 62 25.00 -18.39 4.95
N SER C 63 24.52 -17.60 4.00
CA SER C 63 25.37 -16.75 3.16
C SER C 63 24.60 -15.45 2.89
N PHE C 64 25.24 -14.52 2.19
CA PHE C 64 24.60 -13.26 1.84
C PHE C 64 24.66 -13.09 0.33
N SER C 65 23.51 -12.89 -0.29
CA SER C 65 23.34 -12.77 -1.73
C SER C 65 22.70 -11.42 -2.04
N ILE C 66 23.32 -10.65 -2.94
CA ILE C 66 22.90 -9.29 -3.24
C ILE C 66 22.54 -9.23 -4.72
N ARG C 67 21.27 -8.93 -5.01
CA ARG C 67 20.82 -8.76 -6.39
C ARG C 67 20.62 -7.29 -6.72
N ASP C 68 20.88 -6.94 -7.98
CA ASP C 68 20.75 -5.57 -8.48
C ASP C 68 19.88 -5.57 -9.74
N ILE C 69 18.84 -4.74 -9.74
CA ILE C 69 17.92 -4.60 -10.86
C ILE C 69 18.21 -3.29 -11.56
N GLU C 70 18.76 -3.36 -12.78
CA GLU C 70 19.10 -2.17 -13.55
C GLU C 70 17.96 -1.67 -14.43
N GLU C 71 17.26 -2.60 -15.10
CA GLU C 71 16.22 -2.29 -16.07
C GLU C 71 16.74 -1.34 -17.15
N THR C 72 17.65 -1.89 -17.96
CA THR C 72 18.27 -1.19 -19.07
C THR C 72 17.44 -1.36 -20.32
N ASN C 73 17.52 -0.38 -21.21
CA ASN C 73 16.79 -0.50 -22.47
C ASN C 73 17.46 -1.56 -23.33
N MET C 74 16.62 -2.37 -23.99
CA MET C 74 17.08 -3.51 -24.76
C MET C 74 16.21 -3.64 -25.99
N ILE C 75 16.85 -3.61 -27.16
CA ILE C 75 16.16 -3.84 -28.43
C ILE C 75 16.40 -5.27 -28.87
N ALA C 76 15.33 -5.93 -29.31
CA ALA C 76 15.45 -7.32 -29.74
C ALA C 76 16.40 -7.41 -30.94
N GLN C 77 17.14 -8.50 -31.00
CA GLN C 77 18.12 -8.68 -32.06
C GLN C 77 18.33 -10.15 -32.33
N VAL C 78 18.47 -10.49 -33.61
CA VAL C 78 18.80 -11.83 -34.05
C VAL C 78 20.20 -11.80 -34.63
N LYS C 79 20.83 -12.97 -34.70
CA LYS C 79 22.18 -13.07 -35.24
C LYS C 79 22.16 -13.33 -36.76
N THR D 17 33.55 33.23 14.20
CA THR D 17 33.38 31.83 14.60
C THR D 17 33.72 30.89 13.44
N LEU D 18 32.70 30.47 12.69
CA LEU D 18 32.89 29.59 11.54
C LEU D 18 31.81 29.88 10.51
N SER D 19 32.21 29.92 9.24
CA SER D 19 31.31 30.21 8.13
C SER D 19 30.73 28.95 7.51
N GLU D 20 29.50 29.07 7.01
CA GLU D 20 28.81 27.95 6.39
C GLU D 20 29.44 27.58 5.05
N GLY D 21 29.63 26.28 4.84
CA GLY D 21 30.21 25.80 3.60
C GLY D 21 30.59 24.33 3.71
N VAL D 22 31.39 23.90 2.76
CA VAL D 22 31.88 22.53 2.67
C VAL D 22 33.34 22.51 3.10
N TYR D 23 33.70 21.58 3.99
CA TYR D 23 35.02 21.54 4.60
C TYR D 23 35.68 20.19 4.39
N ARG D 24 36.99 20.23 4.09
CA ARG D 24 37.80 19.02 4.06
C ARG D 24 38.20 18.66 5.49
N ILE D 25 38.13 17.37 5.81
CA ILE D 25 38.46 16.88 7.14
C ILE D 25 39.85 16.26 7.07
N MET D 26 40.85 16.97 7.60
CA MET D 26 42.24 16.55 7.54
C MET D 26 42.67 15.95 8.88
N GLN D 27 43.59 14.99 8.81
CA GLN D 27 44.15 14.33 9.99
C GLN D 27 45.67 14.40 9.92
N ARG D 28 46.29 15.05 10.89
CA ARG D 28 47.74 15.19 10.91
C ARG D 28 48.39 13.84 11.17
N GLY D 29 49.40 13.51 10.37
CA GLY D 29 50.10 12.25 10.52
C GLY D 29 51.60 12.41 10.35
N LEU D 30 52.30 11.30 10.11
CA LEU D 30 53.74 11.36 9.93
C LEU D 30 54.11 12.15 8.68
N PHE D 31 53.27 12.12 7.66
CA PHE D 31 53.54 12.81 6.40
C PHE D 31 52.62 14.03 6.22
N GLY D 32 52.22 14.65 7.32
CA GLY D 32 51.33 15.78 7.26
C GLY D 32 49.87 15.39 7.43
N LYS D 33 49.00 16.29 7.02
CA LYS D 33 47.56 16.10 7.15
C LYS D 33 47.00 15.42 5.91
N THR D 34 46.12 14.46 6.14
CA THR D 34 45.49 13.70 5.07
C THR D 34 43.98 13.89 5.12
N GLN D 35 43.36 14.14 3.96
CA GLN D 35 41.91 14.28 3.89
C GLN D 35 41.26 12.93 4.11
N VAL D 36 40.61 12.76 5.26
CA VAL D 36 39.91 11.53 5.56
C VAL D 36 38.42 11.60 5.22
N GLY D 37 37.88 12.79 5.03
CA GLY D 37 36.47 12.91 4.70
C GLY D 37 36.09 14.34 4.41
N VAL D 38 34.79 14.53 4.23
CA VAL D 38 34.21 15.81 3.88
C VAL D 38 33.06 16.10 4.85
N GLY D 39 32.86 17.38 5.16
CA GLY D 39 31.77 17.77 6.04
C GLY D 39 31.17 19.08 5.59
N ILE D 40 29.93 19.30 6.02
CA ILE D 40 29.16 20.48 5.65
C ILE D 40 28.74 21.19 6.92
N HIS D 41 29.08 22.48 7.03
CA HIS D 41 28.64 23.32 8.13
C HIS D 41 27.47 24.18 7.64
N MET D 42 26.31 23.99 8.25
CA MET D 42 25.12 24.75 7.90
C MET D 42 24.33 25.01 9.17
N ALA D 43 23.74 26.21 9.26
CA ALA D 43 22.95 26.63 10.42
C ALA D 43 23.74 26.49 11.73
N GLY D 44 25.04 26.77 11.67
CA GLY D 44 25.88 26.72 12.84
C GLY D 44 26.29 25.34 13.30
N VAL D 45 25.96 24.30 12.55
CA VAL D 45 26.28 22.92 12.90
C VAL D 45 27.09 22.29 11.78
N PHE D 46 28.14 21.56 12.14
CA PHE D 46 28.98 20.89 11.17
C PHE D 46 28.48 19.46 10.99
N HIS D 47 28.11 19.11 9.75
CA HIS D 47 27.54 17.81 9.43
C HIS D 47 28.54 16.99 8.63
N THR D 48 28.74 15.74 9.05
CA THR D 48 29.61 14.80 8.35
C THR D 48 29.13 13.39 8.66
N MET D 49 29.92 12.40 8.27
CA MET D 49 29.56 11.01 8.49
CA MET D 49 29.60 11.00 8.46
C MET D 49 30.39 10.40 9.62
N TRP D 50 29.82 9.37 10.24
CA TRP D 50 30.41 8.81 11.45
C TRP D 50 31.78 8.18 11.18
N HIS D 51 31.86 7.29 10.18
CA HIS D 51 33.10 6.56 9.95
C HIS D 51 34.27 7.47 9.62
N VAL D 52 34.01 8.72 9.25
CA VAL D 52 35.09 9.65 8.92
C VAL D 52 35.83 10.06 10.20
N THR D 53 35.12 10.71 11.14
CA THR D 53 35.74 11.23 12.34
C THR D 53 35.67 10.28 13.52
N ARG D 54 34.67 9.39 13.54
CA ARG D 54 34.52 8.40 14.60
CA ARG D 54 34.52 8.40 14.60
C ARG D 54 34.47 9.05 15.99
N GLY D 55 33.85 10.23 16.07
CA GLY D 55 33.70 10.93 17.32
C GLY D 55 34.87 11.82 17.71
N SER D 56 35.98 11.76 16.99
CA SER D 56 37.14 12.57 17.34
C SER D 56 36.80 14.05 17.23
N VAL D 57 37.32 14.82 18.19
CA VAL D 57 37.08 16.27 18.21
C VAL D 57 37.80 16.93 17.04
N ILE D 58 37.24 18.06 16.61
CA ILE D 58 37.77 18.85 15.50
C ILE D 58 38.30 20.16 16.05
N CYS D 59 39.47 20.56 15.60
CA CYS D 59 40.09 21.77 16.09
C CYS D 59 39.89 22.90 15.09
N HIS D 60 39.57 24.07 15.64
CA HIS D 60 39.25 25.25 14.85
C HIS D 60 39.74 26.49 15.57
N GLU D 61 40.34 27.41 14.81
CA GLU D 61 40.68 28.74 15.29
C GLU D 61 39.72 29.22 16.39
N THR D 62 40.27 29.71 17.50
CA THR D 62 39.54 30.24 18.65
C THR D 62 38.75 29.19 19.44
N GLY D 63 38.43 28.03 18.86
CA GLY D 63 37.68 27.02 19.60
C GLY D 63 37.51 25.69 18.90
N ARG D 64 37.33 24.61 19.66
CA ARG D 64 37.31 23.25 19.15
C ARG D 64 35.88 22.77 18.96
N LEU D 65 35.61 22.19 17.80
CA LEU D 65 34.31 21.59 17.56
C LEU D 65 34.26 20.21 18.19
N GLU D 66 33.27 19.98 19.04
CA GLU D 66 32.97 18.73 19.69
C GLU D 66 31.66 18.16 19.18
N PRO D 67 31.57 16.85 19.00
CA PRO D 67 30.34 16.27 18.42
C PRO D 67 29.15 16.48 19.34
N SER D 68 27.96 16.48 18.75
CA SER D 68 26.74 16.71 19.51
C SER D 68 25.69 15.64 19.27
N TRP D 69 25.70 15.04 18.09
CA TRP D 69 24.70 14.04 17.73
C TRP D 69 25.31 13.09 16.71
N ALA D 70 24.91 11.83 16.77
CA ALA D 70 25.44 10.83 15.85
C ALA D 70 24.43 9.74 15.62
N ASP D 71 24.56 9.07 14.46
CA ASP D 71 23.74 7.90 14.11
C ASP D 71 24.71 6.90 13.52
N VAL D 72 25.22 5.99 14.36
CA VAL D 72 26.28 5.10 13.92
C VAL D 72 25.77 4.06 12.94
N ARG D 73 24.48 3.70 13.01
CA ARG D 73 23.97 2.71 12.07
C ARG D 73 23.76 3.30 10.69
N ASN D 74 23.49 4.61 10.61
CA ASN D 74 23.29 5.29 9.34
C ASN D 74 24.48 6.14 8.94
N ASP D 75 25.57 6.10 9.72
CA ASP D 75 26.83 6.75 9.38
C ASP D 75 26.66 8.26 9.24
N MET D 76 26.18 8.88 10.32
CA MET D 76 26.00 10.32 10.36
C MET D 76 26.41 10.85 11.73
N ILE D 77 26.97 12.05 11.75
CA ILE D 77 27.39 12.69 13.00
C ILE D 77 27.42 14.20 12.77
N SER D 78 26.99 14.96 13.78
CA SER D 78 26.97 16.41 13.73
C SER D 78 27.84 16.98 14.84
N TYR D 79 28.38 18.18 14.59
CA TYR D 79 29.26 18.86 15.52
C TYR D 79 28.69 20.23 15.86
N GLY D 80 28.58 20.51 17.15
CA GLY D 80 28.10 21.81 17.58
C GLY D 80 26.61 22.00 17.48
N GLY D 81 25.84 20.92 17.59
CA GLY D 81 24.39 21.02 17.53
C GLY D 81 23.76 19.86 16.81
N GLY D 82 22.42 19.84 16.78
CA GLY D 82 21.71 18.76 16.13
C GLY D 82 21.78 18.86 14.61
N TRP D 83 21.32 17.79 13.97
CA TRP D 83 21.30 17.72 12.51
C TRP D 83 20.31 18.75 11.97
N ARG D 84 20.83 19.78 11.28
CA ARG D 84 20.01 20.84 10.72
C ARG D 84 19.63 20.60 9.26
N LEU D 85 20.19 19.60 8.62
CA LEU D 85 19.85 19.26 7.23
C LEU D 85 18.54 18.50 7.22
N GLY D 86 17.45 19.20 6.94
CA GLY D 86 16.14 18.58 6.98
C GLY D 86 15.62 18.16 5.63
N ASP D 87 16.14 18.80 4.57
CA ASP D 87 15.68 18.50 3.23
C ASP D 87 16.16 17.11 2.82
N LYS D 88 15.21 16.25 2.46
CA LYS D 88 15.52 14.91 1.99
C LYS D 88 15.26 14.82 0.50
N TRP D 89 15.76 13.75 -0.11
CA TRP D 89 15.61 13.56 -1.54
C TRP D 89 14.22 13.02 -1.85
N ASP D 90 13.53 13.67 -2.77
CA ASP D 90 12.26 13.17 -3.29
C ASP D 90 12.54 12.20 -4.44
N LYS D 91 11.81 11.09 -4.43
CA LYS D 91 12.03 10.04 -5.44
C LYS D 91 11.84 10.59 -6.84
N GLU D 92 12.59 10.01 -7.78
CA GLU D 92 12.50 10.36 -9.20
C GLU D 92 12.87 11.83 -9.45
N GLU D 93 13.92 12.29 -8.78
CA GLU D 93 14.47 13.62 -8.99
C GLU D 93 15.99 13.55 -9.06
N ASP D 94 16.55 14.24 -10.06
CA ASP D 94 17.99 14.25 -10.26
C ASP D 94 18.70 15.04 -9.17
N VAL D 95 19.89 14.59 -8.80
CA VAL D 95 20.70 15.22 -7.77
C VAL D 95 22.09 15.46 -8.35
N GLN D 96 22.85 16.32 -7.67
CA GLN D 96 24.24 16.57 -8.01
C GLN D 96 25.09 16.36 -6.76
N VAL D 97 26.26 15.74 -6.95
CA VAL D 97 27.19 15.46 -5.86
C VAL D 97 28.36 16.43 -5.95
N LEU D 98 28.59 17.19 -4.89
CA LEU D 98 29.72 18.12 -4.84
C LEU D 98 30.92 17.38 -4.25
N ALA D 99 31.50 16.52 -5.09
CA ALA D 99 32.58 15.65 -4.65
C ALA D 99 33.84 16.45 -4.36
N ILE D 100 34.37 16.30 -3.15
CA ILE D 100 35.63 16.93 -2.77
C ILE D 100 36.72 15.86 -2.74
N GLU D 101 37.31 15.58 -3.89
CA GLU D 101 38.37 14.58 -3.94
C GLU D 101 39.64 15.13 -3.33
N PRO D 102 40.42 14.31 -2.62
CA PRO D 102 41.64 14.81 -1.96
C PRO D 102 42.63 15.35 -2.96
N GLY D 103 43.08 16.58 -2.72
CA GLY D 103 44.04 17.23 -3.58
C GLY D 103 43.41 17.93 -4.78
N LYS D 104 42.43 17.28 -5.39
CA LYS D 104 41.77 17.85 -6.55
C LYS D 104 40.78 18.92 -6.14
N ASN D 105 40.48 19.82 -7.08
CA ASN D 105 39.53 20.90 -6.85
C ASN D 105 38.12 20.32 -6.76
N PRO D 106 37.18 21.08 -6.16
CA PRO D 106 35.79 20.61 -6.12
C PRO D 106 35.23 20.34 -7.51
N LYS D 107 34.45 19.26 -7.62
CA LYS D 107 33.90 18.82 -8.89
C LYS D 107 32.43 18.49 -8.71
N HIS D 108 31.59 19.08 -9.56
CA HIS D 108 30.16 18.84 -9.56
C HIS D 108 29.82 17.82 -10.64
N VAL D 109 29.07 16.79 -10.26
CA VAL D 109 28.64 15.74 -11.18
C VAL D 109 27.15 15.50 -10.95
N GLN D 110 26.38 15.44 -12.04
CA GLN D 110 24.95 15.24 -11.98
C GLN D 110 24.60 13.78 -12.27
N THR D 111 23.58 13.28 -11.59
CA THR D 111 23.16 11.89 -11.76
C THR D 111 21.67 11.76 -11.46
N LYS D 112 21.08 10.69 -11.98
CA LYS D 112 19.72 10.31 -11.65
C LYS D 112 19.79 9.17 -10.63
N PRO D 113 19.53 9.43 -9.35
CA PRO D 113 19.78 8.40 -8.34
C PRO D 113 18.84 7.22 -8.51
N GLY D 114 19.32 6.07 -8.06
CA GLY D 114 18.52 4.86 -8.00
C GLY D 114 17.86 4.68 -6.66
N LEU D 115 17.60 3.42 -6.30
CA LEU D 115 16.96 3.09 -5.04
C LEU D 115 17.67 1.90 -4.40
N PHE D 116 17.72 1.92 -3.08
CA PHE D 116 18.21 0.79 -2.30
C PHE D 116 16.99 0.03 -1.79
N LYS D 117 16.64 -1.04 -2.50
CA LYS D 117 15.39 -1.77 -2.29
C LYS D 117 15.44 -2.64 -1.04
N THR D 118 14.63 -2.27 -0.05
CA THR D 118 14.33 -3.09 1.11
C THR D 118 12.84 -2.92 1.37
N LEU D 119 12.22 -3.93 1.96
CA LEU D 119 10.79 -3.82 2.22
C LEU D 119 10.44 -2.67 3.14
N THR D 120 11.34 -2.31 4.07
CA THR D 120 10.97 -1.25 5.01
C THR D 120 11.03 0.14 4.39
N GLY D 121 11.85 0.38 3.37
CA GLY D 121 11.93 1.73 2.83
C GLY D 121 12.79 1.82 1.60
N GLU D 122 12.93 3.06 1.09
CA GLU D 122 13.63 3.31 -0.16
C GLU D 122 14.69 4.38 0.10
N ILE D 123 15.95 4.04 -0.17
CA ILE D 123 17.07 4.95 0.00
C ILE D 123 17.68 5.25 -1.37
N GLY D 124 17.96 6.52 -1.62
CA GLY D 124 18.52 6.90 -2.91
C GLY D 124 19.87 6.25 -3.14
N ALA D 125 20.11 5.85 -4.38
CA ALA D 125 21.33 5.14 -4.77
C ALA D 125 22.06 5.95 -5.83
N VAL D 126 23.19 6.55 -5.46
CA VAL D 126 24.03 7.30 -6.39
C VAL D 126 25.17 6.37 -6.83
N THR D 127 25.28 6.15 -8.14
CA THR D 127 26.25 5.21 -8.69
C THR D 127 27.60 5.86 -9.02
N LEU D 128 27.80 7.12 -8.64
CA LEU D 128 29.06 7.79 -8.93
C LEU D 128 30.17 7.21 -8.07
N ASP D 129 31.33 6.99 -8.67
CA ASP D 129 32.47 6.38 -7.99
C ASP D 129 33.62 7.37 -7.97
N PHE D 130 33.72 8.12 -6.87
CA PHE D 130 34.79 9.09 -6.72
C PHE D 130 35.97 8.46 -5.98
N LYS D 131 37.05 9.22 -5.87
CA LYS D 131 38.24 8.72 -5.20
C LYS D 131 37.99 8.64 -3.68
N PRO D 132 38.68 7.73 -2.99
CA PRO D 132 38.54 7.67 -1.53
C PRO D 132 38.90 8.98 -0.87
N GLY D 133 38.24 9.25 0.26
CA GLY D 133 38.33 10.53 0.93
C GLY D 133 37.18 11.46 0.66
N THR D 134 36.34 11.16 -0.33
CA THR D 134 35.16 11.95 -0.63
C THR D 134 33.98 11.66 0.30
N SER D 135 34.13 10.74 1.24
CA SER D 135 33.06 10.41 2.16
C SER D 135 32.60 11.64 2.92
N GLY D 136 31.33 12.01 2.76
CA GLY D 136 30.79 13.22 3.34
C GLY D 136 30.55 14.34 2.36
N SER D 137 30.80 14.11 1.07
CA SER D 137 30.53 15.14 0.08
C SER D 137 29.02 15.40 0.00
N PRO D 138 28.60 16.66 -0.08
CA PRO D 138 27.17 16.96 -0.04
C PRO D 138 26.43 16.54 -1.29
N ILE D 139 25.19 16.13 -1.11
CA ILE D 139 24.26 15.85 -2.19
C ILE D 139 23.23 16.96 -2.21
N ILE D 140 23.21 17.73 -3.29
CA ILE D 140 22.45 18.98 -3.37
C ILE D 140 21.33 18.81 -4.38
N ASN D 141 20.16 19.38 -4.05
CA ASN D 141 19.03 19.42 -4.97
C ASN D 141 19.09 20.70 -5.81
N LYS D 142 18.14 20.83 -6.74
CA LYS D 142 18.10 22.01 -7.59
C LYS D 142 17.95 23.28 -6.79
N LYS D 143 17.30 23.22 -5.63
CA LYS D 143 17.08 24.39 -4.79
C LYS D 143 18.34 24.85 -4.06
N GLY D 144 19.46 24.17 -4.23
CA GLY D 144 20.69 24.57 -3.57
C GLY D 144 20.79 24.19 -2.10
N LYS D 145 20.16 23.09 -1.70
CA LYS D 145 20.20 22.63 -0.32
C LYS D 145 20.66 21.18 -0.29
N VAL D 146 21.38 20.82 0.77
CA VAL D 146 21.95 19.49 0.89
C VAL D 146 20.87 18.51 1.30
N ILE D 147 20.72 17.43 0.53
CA ILE D 147 19.73 16.40 0.80
C ILE D 147 20.34 15.07 1.19
N GLY D 148 21.66 14.99 1.30
CA GLY D 148 22.30 13.75 1.69
C GLY D 148 23.80 13.87 1.64
N LEU D 149 24.47 12.78 2.01
CA LEU D 149 25.93 12.73 2.04
C LEU D 149 26.42 11.53 1.25
N TYR D 150 27.46 11.75 0.45
CA TYR D 150 28.08 10.70 -0.34
C TYR D 150 29.16 10.01 0.48
N GLY D 151 29.24 8.69 0.33
CA GLY D 151 30.31 7.95 0.99
C GLY D 151 29.96 6.56 1.47
N ASN D 152 28.76 6.38 2.03
CA ASN D 152 28.34 5.09 2.56
C ASN D 152 27.63 4.32 1.45
N GLY D 153 28.24 3.25 1.00
CA GLY D 153 27.69 2.45 -0.09
C GLY D 153 28.24 1.05 -0.20
N VAL D 154 28.29 0.56 -1.43
CA VAL D 154 28.71 -0.82 -1.74
C VAL D 154 29.37 -0.83 -3.11
N VAL D 155 30.25 -1.80 -3.33
CA VAL D 155 30.92 -1.99 -4.62
C VAL D 155 30.39 -3.28 -5.24
N THR D 156 30.32 -3.28 -6.57
CA THR D 156 29.82 -4.43 -7.32
C THR D 156 30.89 -5.49 -7.58
N LYS D 157 31.87 -5.60 -6.68
CA LYS D 157 32.94 -6.60 -6.79
C LYS D 157 33.63 -6.56 -8.15
N SER D 158 33.38 -5.52 -8.91
CA SER D 158 33.98 -5.32 -10.22
C SER D 158 34.68 -3.97 -10.32
N GLY D 159 34.05 -2.93 -9.81
CA GLY D 159 34.61 -1.59 -9.89
C GLY D 159 33.56 -0.55 -9.63
N ASP D 160 32.31 -0.87 -9.95
CA ASP D 160 31.23 0.11 -9.86
C ASP D 160 30.82 0.25 -8.39
N TYR D 161 31.15 1.40 -7.80
CA TYR D 161 30.71 1.76 -6.46
C TYR D 161 29.37 2.50 -6.53
N VAL D 162 28.48 2.22 -5.57
CA VAL D 162 27.22 2.95 -5.45
C VAL D 162 27.08 3.40 -4.01
N SER D 163 26.77 4.68 -3.82
CA SER D 163 26.63 5.26 -2.50
C SER D 163 25.16 5.60 -2.22
N ALA D 164 24.72 5.31 -1.00
CA ALA D 164 23.36 5.64 -0.60
C ALA D 164 23.28 7.09 -0.14
N ILE D 165 22.18 7.76 -0.49
CA ILE D 165 21.94 9.11 -0.01
C ILE D 165 21.64 9.02 1.47
N THR D 166 22.65 9.27 2.31
CA THR D 166 22.51 9.12 3.75
C THR D 166 21.89 10.41 4.30
N GLN D 167 20.66 10.31 4.80
CA GLN D 167 19.96 11.47 5.33
C GLN D 167 19.30 11.10 6.65
N ALA D 168 19.14 12.10 7.53
CA ALA D 168 18.61 11.84 8.86
C ALA D 168 17.08 11.81 8.86
N GLU D 169 16.48 12.00 10.04
CA GLU D 169 15.04 11.99 10.21
C GLU D 169 14.44 10.70 9.64
N SER E 28 15.05 -15.26 15.76
CA SER E 28 13.73 -15.43 15.17
C SER E 28 13.37 -16.92 15.12
N ALA E 29 13.05 -17.40 13.92
CA ALA E 29 12.76 -18.82 13.66
C ALA E 29 11.59 -19.33 14.48
N ASP E 30 10.63 -18.46 14.79
CA ASP E 30 9.50 -18.81 15.64
C ASP E 30 8.18 -18.54 14.92
N LEU E 31 8.06 -19.04 13.70
CA LEU E 31 6.86 -18.81 12.91
C LEU E 31 6.63 -20.02 12.04
N SER E 32 5.48 -20.66 12.23
CA SER E 32 5.09 -21.85 11.49
C SER E 32 3.80 -21.59 10.72
N LEU E 33 3.46 -22.52 9.85
CA LEU E 33 2.23 -22.44 9.07
C LEU E 33 1.34 -23.64 9.42
N GLU E 34 0.03 -23.42 9.39
CA GLU E 34 -0.95 -24.46 9.69
C GLU E 34 -2.16 -24.23 8.81
N LYS E 35 -2.37 -25.11 7.83
CA LYS E 35 -3.52 -24.96 6.93
C LYS E 35 -4.82 -25.21 7.67
N ALA E 36 -5.82 -24.41 7.37
CA ALA E 36 -7.10 -24.53 8.06
C ALA E 36 -8.29 -24.69 7.13
N ALA E 37 -8.29 -24.00 5.99
CA ALA E 37 -9.42 -24.06 5.07
C ALA E 37 -8.92 -23.63 3.68
N ASN E 38 -9.83 -23.66 2.72
CA ASN E 38 -9.58 -23.21 1.36
C ASN E 38 -10.53 -22.09 0.99
N VAL E 39 -10.13 -21.30 -0.01
CA VAL E 39 -10.91 -20.15 -0.45
C VAL E 39 -12.19 -20.63 -1.13
N GLN E 40 -13.31 -20.55 -0.41
CA GLN E 40 -14.59 -20.95 -0.95
C GLN E 40 -15.68 -20.05 -0.39
N TRP E 41 -16.67 -19.75 -1.22
CA TRP E 41 -17.81 -18.92 -0.83
C TRP E 41 -18.89 -19.83 -0.25
N ASP E 42 -19.24 -19.60 1.01
CA ASP E 42 -20.27 -20.39 1.70
C ASP E 42 -21.62 -19.72 1.53
N GLU E 43 -22.52 -20.36 0.78
CA GLU E 43 -23.85 -19.79 0.55
C GLU E 43 -24.74 -19.87 1.78
N MET E 44 -24.49 -20.82 2.68
CA MET E 44 -25.29 -20.96 3.88
C MET E 44 -24.74 -20.15 5.06
N ALA E 45 -23.99 -19.09 4.78
CA ALA E 45 -23.42 -18.26 5.82
C ALA E 45 -24.42 -17.20 6.26
N ASP E 46 -24.36 -16.86 7.54
CA ASP E 46 -25.25 -15.84 8.08
C ASP E 46 -24.83 -14.46 7.58
N ILE E 47 -25.82 -13.59 7.39
CA ILE E 47 -25.57 -12.23 6.91
C ILE E 47 -25.82 -11.24 8.04
N THR E 48 -25.69 -11.70 9.27
CA THR E 48 -25.93 -10.86 10.43
C THR E 48 -24.78 -9.88 10.63
N GLY E 49 -25.12 -8.66 11.07
CA GLY E 49 -24.11 -7.65 11.31
C GLY E 49 -23.60 -6.95 10.07
N SER E 50 -24.41 -6.84 9.02
CA SER E 50 -23.96 -6.26 7.76
C SER E 50 -24.31 -4.78 7.69
N SER E 51 -23.76 -4.03 8.65
CA SER E 51 -23.98 -2.59 8.71
C SER E 51 -22.91 -1.88 7.86
N PRO E 52 -23.30 -1.12 6.84
CA PRO E 52 -22.31 -0.38 6.04
C PRO E 52 -22.01 1.01 6.61
N ILE E 53 -21.43 1.02 7.81
CA ILE E 53 -21.14 2.29 8.48
C ILE E 53 -20.03 3.00 7.73
N ILE E 54 -20.06 4.32 7.78
CA ILE E 54 -19.10 5.15 7.06
C ILE E 54 -18.18 5.82 8.08
N GLU E 55 -16.89 5.50 8.00
CA GLU E 55 -15.89 6.01 8.92
C GLU E 55 -15.02 7.01 8.16
N VAL E 56 -15.00 8.25 8.65
CA VAL E 56 -14.25 9.35 8.03
C VAL E 56 -12.96 9.53 8.83
N LYS E 57 -11.85 9.01 8.31
CA LYS E 57 -10.56 9.23 8.95
C LYS E 57 -9.98 10.55 8.47
N GLN E 58 -9.34 11.28 9.38
CA GLN E 58 -8.91 12.64 9.13
C GLN E 58 -7.55 12.88 9.76
N ASP E 59 -6.92 13.99 9.34
CA ASP E 59 -5.60 14.37 9.82
C ASP E 59 -5.61 15.82 10.26
N GLU E 60 -4.92 16.10 11.37
CA GLU E 60 -4.71 17.45 11.85
C GLU E 60 -3.23 17.77 11.96
N ASP E 61 -2.36 16.82 11.62
CA ASP E 61 -0.91 16.92 11.72
C ASP E 61 -0.46 17.12 13.16
N GLY E 62 -1.43 17.22 14.06
CA GLY E 62 -1.20 17.18 15.49
C GLY E 62 -1.84 15.96 16.12
N SER E 63 -2.47 15.10 15.32
CA SER E 63 -3.27 13.98 15.80
C SER E 63 -3.99 13.27 14.64
N PHE E 64 -4.72 12.21 14.97
CA PHE E 64 -5.51 11.48 13.99
C PHE E 64 -6.95 11.43 14.52
N SER E 65 -7.89 11.88 13.70
CA SER E 65 -9.29 11.94 14.10
C SER E 65 -10.11 11.06 13.17
N ILE E 66 -10.82 10.10 13.75
CA ILE E 66 -11.62 9.14 12.99
C ILE E 66 -13.04 9.18 13.54
N ARG E 67 -13.98 9.61 12.71
CA ARG E 67 -15.39 9.66 13.07
C ARG E 67 -16.14 8.51 12.40
N ASP E 68 -17.26 8.10 13.03
CA ASP E 68 -18.11 7.03 12.53
C ASP E 68 -19.49 7.60 12.28
N ILE E 69 -19.96 7.44 11.05
CA ILE E 69 -21.26 7.96 10.62
C ILE E 69 -22.24 6.81 10.55
N GLU E 70 -23.21 6.80 11.47
CA GLU E 70 -24.21 5.75 11.50
C GLU E 70 -25.44 6.09 10.65
N GLU E 71 -25.95 7.32 10.77
CA GLU E 71 -27.14 7.77 10.04
C GLU E 71 -28.39 6.92 10.31
N THR E 72 -28.97 7.07 11.48
CA THR E 72 -30.17 6.31 11.86
C THR E 72 -31.45 7.02 11.42
N ASN E 73 -32.43 6.23 11.00
CA ASN E 73 -33.76 6.75 10.66
C ASN E 73 -34.52 7.07 11.94
N MET E 74 -35.31 8.15 11.90
CA MET E 74 -35.97 8.66 13.10
C MET E 74 -37.38 9.15 12.78
N ILE E 75 -38.36 8.62 13.51
CA ILE E 75 -39.74 9.05 13.45
C ILE E 75 -40.03 9.95 14.66
N ALA E 76 -40.71 11.07 14.43
CA ALA E 76 -40.97 12.04 15.49
C ALA E 76 -41.87 11.47 16.58
N GLN E 77 -41.61 11.89 17.82
CA GLN E 77 -42.37 11.49 18.99
C GLN E 77 -42.24 12.55 20.09
N VAL E 78 -43.33 12.78 20.81
CA VAL E 78 -43.34 13.67 21.96
C VAL E 78 -43.47 12.84 23.22
N LYS E 79 -43.07 13.42 24.35
CA LYS E 79 -43.12 12.71 25.62
C LYS E 79 -44.45 12.94 26.34
N THR F 17 7.01 -24.37 -2.73
CA THR F 17 6.30 -25.61 -3.02
C THR F 17 5.21 -25.86 -1.96
N LEU F 18 4.19 -25.02 -1.97
CA LEU F 18 3.06 -25.14 -1.06
C LEU F 18 1.75 -25.17 -1.84
N SER F 19 0.69 -25.59 -1.18
CA SER F 19 -0.63 -25.65 -1.79
C SER F 19 -1.41 -24.37 -1.52
N GLU F 20 -2.23 -23.99 -2.49
CA GLU F 20 -3.04 -22.78 -2.36
C GLU F 20 -4.14 -22.98 -1.33
N GLY F 21 -4.31 -22.01 -0.44
CA GLY F 21 -5.33 -22.10 0.57
C GLY F 21 -5.13 -21.05 1.65
N VAL F 22 -5.85 -21.22 2.75
CA VAL F 22 -5.79 -20.33 3.90
C VAL F 22 -5.01 -21.04 5.00
N TYR F 23 -4.04 -20.34 5.58
CA TYR F 23 -3.12 -20.93 6.55
C TYR F 23 -3.12 -20.13 7.84
N ARG F 24 -3.07 -20.83 8.96
CA ARG F 24 -2.87 -20.19 10.26
C ARG F 24 -1.38 -19.92 10.46
N ILE F 25 -1.07 -18.73 10.97
CA ILE F 25 0.31 -18.33 11.22
C ILE F 25 0.56 -18.50 12.71
N MET F 26 1.29 -19.56 13.06
CA MET F 26 1.54 -19.93 14.44
C MET F 26 2.93 -19.48 14.87
N GLN F 27 3.08 -19.22 16.16
CA GLN F 27 4.35 -18.80 16.74
C GLN F 27 4.69 -19.73 17.89
N ARG F 28 5.83 -20.41 17.77
CA ARG F 28 6.26 -21.33 18.82
C ARG F 28 6.67 -20.56 20.06
N GLY F 29 6.16 -21.00 21.21
CA GLY F 29 6.47 -20.36 22.48
C GLY F 29 6.70 -21.36 23.60
N LEU F 30 6.67 -20.88 24.84
CA LEU F 30 6.88 -21.77 25.98
C LEU F 30 5.76 -22.81 26.11
N PHE F 31 4.54 -22.44 25.73
CA PHE F 31 3.39 -23.31 25.88
C PHE F 31 2.89 -23.84 24.54
N GLY F 32 3.79 -23.98 23.58
CA GLY F 32 3.42 -24.42 22.26
C GLY F 32 3.19 -23.27 21.29
N LYS F 33 2.51 -23.61 20.20
CA LYS F 33 2.28 -22.66 19.11
C LYS F 33 0.97 -21.91 19.31
N THR F 34 1.02 -20.60 19.08
CA THR F 34 -0.15 -19.74 19.19
C THR F 34 -0.38 -19.06 17.85
N GLN F 35 -1.64 -19.03 17.41
CA GLN F 35 -1.99 -18.37 16.16
C GLN F 35 -1.89 -16.86 16.33
N VAL F 36 -0.92 -16.25 15.65
CA VAL F 36 -0.75 -14.80 15.70
C VAL F 36 -1.43 -14.11 14.51
N GLY F 37 -1.74 -14.84 13.46
CA GLY F 37 -2.38 -14.24 12.30
C GLY F 37 -2.77 -15.28 11.28
N VAL F 38 -3.26 -14.79 10.16
CA VAL F 38 -3.74 -15.64 9.07
C VAL F 38 -3.08 -15.17 7.78
N GLY F 39 -2.84 -16.11 6.86
CA GLY F 39 -2.28 -15.78 5.58
C GLY F 39 -2.87 -16.65 4.48
N ILE F 40 -2.76 -16.15 3.25
CA ILE F 40 -3.31 -16.81 2.06
C ILE F 40 -2.18 -17.03 1.07
N HIS F 41 -2.02 -18.28 0.63
CA HIS F 41 -1.07 -18.65 -0.41
C HIS F 41 -1.84 -18.76 -1.73
N MET F 42 -1.52 -17.89 -2.68
CA MET F 42 -2.16 -17.86 -3.99
C MET F 42 -1.15 -17.52 -5.06
N ALA F 43 -1.28 -18.19 -6.21
CA ALA F 43 -0.37 -17.99 -7.35
C ALA F 43 1.08 -18.14 -6.91
N GLY F 44 1.32 -19.06 -5.99
CA GLY F 44 2.66 -19.32 -5.52
C GLY F 44 3.21 -18.31 -4.54
N VAL F 45 2.41 -17.34 -4.10
CA VAL F 45 2.84 -16.30 -3.18
C VAL F 45 1.97 -16.33 -1.93
N PHE F 46 2.61 -16.22 -0.77
CA PHE F 46 1.90 -16.22 0.50
C PHE F 46 1.61 -14.78 0.92
N HIS F 47 0.34 -14.44 1.07
CA HIS F 47 -0.08 -13.08 1.39
C HIS F 47 -0.62 -13.01 2.81
N THR F 48 -0.13 -12.04 3.58
CA THR F 48 -0.59 -11.83 4.94
C THR F 48 -0.34 -10.37 5.32
N MET F 49 -0.71 -10.02 6.54
CA MET F 49 -0.56 -8.66 7.05
C MET F 49 0.86 -8.44 7.56
N TRP F 50 1.30 -7.18 7.50
CA TRP F 50 2.64 -6.85 7.98
C TRP F 50 2.75 -7.08 9.48
N HIS F 51 1.81 -6.52 10.26
CA HIS F 51 1.89 -6.62 11.71
C HIS F 51 1.83 -8.07 12.20
N VAL F 52 1.36 -8.99 11.36
CA VAL F 52 1.28 -10.39 11.77
C VAL F 52 2.67 -10.98 11.88
N THR F 53 3.42 -10.98 10.77
CA THR F 53 4.73 -11.61 10.73
C THR F 53 5.87 -10.65 11.04
N ARG F 54 5.68 -9.35 10.84
CA ARG F 54 6.72 -8.34 11.00
C ARG F 54 7.95 -8.62 10.15
N GLY F 55 7.79 -9.38 9.07
CA GLY F 55 8.90 -9.74 8.22
C GLY F 55 9.66 -10.97 8.64
N SER F 56 9.38 -11.52 9.82
CA SER F 56 10.08 -12.72 10.26
C SER F 56 9.78 -13.88 9.33
N VAL F 57 10.80 -14.70 9.07
CA VAL F 57 10.63 -15.83 8.16
C VAL F 57 9.70 -16.86 8.78
N ILE F 58 8.98 -17.59 7.91
CA ILE F 58 8.01 -18.59 8.31
C ILE F 58 8.50 -19.97 7.86
N CYS F 59 8.45 -20.94 8.77
CA CYS F 59 8.88 -22.30 8.50
C CYS F 59 7.65 -23.17 8.32
N HIS F 60 7.69 -24.08 7.36
CA HIS F 60 6.52 -24.90 7.07
C HIS F 60 6.87 -26.32 6.60
N GLU F 61 7.65 -27.05 7.39
CA GLU F 61 7.94 -28.46 7.12
C GLU F 61 8.61 -28.72 5.76
N THR F 62 8.30 -27.92 4.74
CA THR F 62 8.87 -28.03 3.40
C THR F 62 10.04 -27.07 3.19
N GLY F 63 10.13 -26.01 3.99
CA GLY F 63 11.18 -25.03 3.79
C GLY F 63 10.89 -23.77 4.57
N ARG F 64 11.83 -22.84 4.60
CA ARG F 64 11.60 -21.59 5.31
C ARG F 64 11.10 -20.59 4.28
N LEU F 65 9.96 -19.98 4.55
CA LEU F 65 9.44 -18.93 3.67
C LEU F 65 10.07 -17.60 4.02
N GLU F 66 10.60 -16.94 3.01
CA GLU F 66 11.15 -15.61 3.16
C GLU F 66 10.26 -14.60 2.45
N PRO F 67 10.06 -13.43 3.05
CA PRO F 67 9.15 -12.44 2.45
C PRO F 67 9.68 -11.99 1.09
N SER F 68 8.81 -11.35 0.31
CA SER F 68 9.20 -10.83 -1.00
C SER F 68 8.85 -9.35 -1.16
N TRP F 69 7.80 -8.89 -0.49
CA TRP F 69 7.37 -7.51 -0.62
C TRP F 69 6.56 -7.11 0.61
N ALA F 70 6.62 -5.83 0.95
CA ALA F 70 5.89 -5.33 2.11
C ALA F 70 5.48 -3.89 1.90
N ASP F 71 4.39 -3.50 2.56
CA ASP F 71 3.87 -2.13 2.56
C ASP F 71 3.47 -1.82 4.00
N VAL F 72 4.38 -1.18 4.72
CA VAL F 72 4.18 -0.98 6.16
C VAL F 72 3.05 0.01 6.42
N ARG F 73 2.77 0.92 5.48
CA ARG F 73 1.71 1.89 5.70
C ARG F 73 0.32 1.27 5.57
N ASN F 74 0.18 0.24 4.75
CA ASN F 74 -1.10 -0.42 4.56
C ASN F 74 -1.18 -1.79 5.22
N ASP F 75 -0.13 -2.21 5.94
CA ASP F 75 -0.14 -3.44 6.74
C ASP F 75 -0.35 -4.68 5.86
N MET F 76 0.54 -4.82 4.88
CA MET F 76 0.51 -5.97 3.99
C MET F 76 1.93 -6.45 3.73
N ILE F 77 2.06 -7.76 3.54
CA ILE F 77 3.37 -8.35 3.25
C ILE F 77 3.14 -9.65 2.49
N SER F 78 4.00 -9.91 1.51
CA SER F 78 3.91 -11.11 0.69
C SER F 78 5.20 -11.92 0.83
N TYR F 79 5.07 -13.23 0.64
CA TYR F 79 6.18 -14.18 0.76
C TYR F 79 6.32 -14.96 -0.53
N GLY F 80 7.54 -15.00 -1.08
CA GLY F 80 7.81 -15.79 -2.26
C GLY F 80 7.34 -15.19 -3.57
N GLY F 81 7.24 -13.86 -3.65
CA GLY F 81 6.83 -13.17 -4.86
C GLY F 81 5.98 -11.94 -4.58
N GLY F 82 5.62 -11.20 -5.63
CA GLY F 82 4.81 -10.02 -5.46
C GLY F 82 3.37 -10.34 -5.15
N TRP F 83 2.62 -9.30 -4.79
CA TRP F 83 1.20 -9.45 -4.46
C TRP F 83 0.43 -9.88 -5.70
N ARG F 84 -0.09 -11.11 -5.69
CA ARG F 84 -0.82 -11.64 -6.83
C ARG F 84 -2.33 -11.44 -6.72
N LEU F 85 -2.83 -10.98 -5.57
CA LEU F 85 -4.26 -10.73 -5.38
C LEU F 85 -4.61 -9.40 -6.04
N GLY F 86 -5.14 -9.46 -7.25
CA GLY F 86 -5.44 -8.25 -7.99
C GLY F 86 -6.90 -7.83 -7.93
N ASP F 87 -7.78 -8.78 -7.64
CA ASP F 87 -9.21 -8.48 -7.59
C ASP F 87 -9.51 -7.61 -6.38
N LYS F 88 -10.12 -6.45 -6.65
CA LYS F 88 -10.52 -5.51 -5.61
C LYS F 88 -12.04 -5.53 -5.46
N TRP F 89 -12.51 -4.93 -4.38
CA TRP F 89 -13.93 -4.90 -4.06
C TRP F 89 -14.64 -3.81 -4.85
N ASP F 90 -15.72 -4.18 -5.53
CA ASP F 90 -16.60 -3.20 -6.17
C ASP F 90 -17.62 -2.70 -5.18
N LYS F 91 -17.87 -1.38 -5.21
CA LYS F 91 -18.80 -0.79 -4.27
C LYS F 91 -20.18 -1.42 -4.43
N GLU F 92 -20.92 -1.46 -3.31
CA GLU F 92 -22.30 -1.96 -3.29
C GLU F 92 -22.37 -3.43 -3.68
N GLU F 93 -21.43 -4.22 -3.17
CA GLU F 93 -21.45 -5.67 -3.35
C GLU F 93 -21.12 -6.35 -2.03
N ASP F 94 -21.92 -7.36 -1.67
CA ASP F 94 -21.70 -8.07 -0.42
C ASP F 94 -20.46 -8.94 -0.50
N VAL F 95 -19.77 -9.06 0.64
CA VAL F 95 -18.54 -9.84 0.74
C VAL F 95 -18.68 -10.84 1.87
N GLN F 96 -17.78 -11.82 1.87
CA GLN F 96 -17.69 -12.80 2.95
C GLN F 96 -16.28 -12.81 3.51
N VAL F 97 -16.18 -12.92 4.82
CA VAL F 97 -14.91 -13.03 5.52
C VAL F 97 -14.77 -14.46 6.00
N LEU F 98 -13.71 -15.12 5.55
CA LEU F 98 -13.43 -16.50 5.96
C LEU F 98 -12.56 -16.44 7.23
N ALA F 99 -13.22 -16.11 8.34
CA ALA F 99 -12.51 -15.86 9.59
C ALA F 99 -11.92 -17.16 10.14
N ILE F 100 -10.62 -17.14 10.39
CA ILE F 100 -9.93 -18.27 11.01
C ILE F 100 -9.63 -17.91 12.46
N GLU F 101 -10.59 -18.11 13.35
CA GLU F 101 -10.37 -17.80 14.75
C GLU F 101 -9.43 -18.83 15.36
N PRO F 102 -8.54 -18.41 16.27
CA PRO F 102 -7.58 -19.35 16.85
C PRO F 102 -8.30 -20.45 17.63
N GLY F 103 -7.98 -21.69 17.29
CA GLY F 103 -8.60 -22.83 17.95
C GLY F 103 -9.95 -23.19 17.36
N LYS F 104 -10.75 -22.18 17.05
CA LYS F 104 -12.07 -22.39 16.49
C LYS F 104 -11.97 -22.75 15.02
N ASN F 105 -13.01 -23.43 14.53
CA ASN F 105 -13.04 -23.83 13.13
C ASN F 105 -13.25 -22.62 12.23
N PRO F 106 -12.92 -22.74 10.94
CA PRO F 106 -13.19 -21.65 10.01
C PRO F 106 -14.66 -21.30 9.97
N LYS F 107 -14.94 -20.01 9.88
CA LYS F 107 -16.32 -19.49 9.92
C LYS F 107 -16.50 -18.46 8.82
N HIS F 108 -17.54 -18.64 8.01
CA HIS F 108 -17.88 -17.71 6.94
C HIS F 108 -18.99 -16.78 7.40
N VAL F 109 -18.77 -15.47 7.26
CA VAL F 109 -19.76 -14.46 7.63
C VAL F 109 -19.85 -13.45 6.49
N GLN F 110 -21.07 -13.16 6.06
CA GLN F 110 -21.32 -12.23 4.96
C GLN F 110 -21.76 -10.87 5.50
N THR F 111 -21.33 -9.81 4.82
CA THR F 111 -21.62 -8.46 5.27
C THR F 111 -21.68 -7.52 4.07
N LYS F 112 -22.33 -6.37 4.28
CA LYS F 112 -22.36 -5.28 3.33
C LYS F 112 -21.37 -4.22 3.79
N PRO F 113 -20.19 -4.13 3.18
CA PRO F 113 -19.16 -3.24 3.73
C PRO F 113 -19.53 -1.77 3.59
N GLY F 114 -18.96 -0.96 4.49
CA GLY F 114 -19.06 0.47 4.41
C GLY F 114 -17.89 1.07 3.67
N LEU F 115 -17.55 2.31 4.00
CA LEU F 115 -16.44 2.99 3.35
C LEU F 115 -15.57 3.69 4.38
N PHE F 116 -14.26 3.65 4.14
CA PHE F 116 -13.28 4.40 4.91
C PHE F 116 -12.84 5.56 4.01
N LYS F 117 -13.44 6.73 4.23
CA LYS F 117 -13.16 7.89 3.39
C LYS F 117 -11.80 8.47 3.79
N THR F 118 -10.78 8.19 2.98
CA THR F 118 -9.44 8.73 3.20
C THR F 118 -8.83 9.09 1.85
N LEU F 119 -7.85 10.00 1.89
CA LEU F 119 -7.05 10.41 0.74
C LEU F 119 -7.87 10.51 -0.54
N THR F 120 -9.05 11.13 -0.45
CA THR F 120 -9.97 11.23 -1.59
C THR F 120 -10.32 9.86 -2.17
N GLY F 121 -10.03 8.78 -1.43
CA GLY F 121 -10.35 7.44 -1.86
C GLY F 121 -11.32 6.77 -0.92
N GLU F 122 -11.70 5.54 -1.28
CA GLU F 122 -12.71 4.77 -0.56
C GLU F 122 -12.18 3.37 -0.28
N ILE F 123 -12.14 2.98 0.99
CA ILE F 123 -11.72 1.65 1.41
C ILE F 123 -12.90 0.94 2.05
N GLY F 124 -13.09 -0.33 1.69
CA GLY F 124 -14.23 -1.07 2.22
C GLY F 124 -14.15 -1.20 3.73
N ALA F 125 -15.30 -1.10 4.39
CA ALA F 125 -15.39 -1.11 5.85
C ALA F 125 -16.22 -2.31 6.29
N VAL F 126 -15.57 -3.30 6.88
CA VAL F 126 -16.24 -4.49 7.37
C VAL F 126 -16.50 -4.33 8.86
N THR F 127 -17.77 -4.44 9.27
CA THR F 127 -18.18 -4.22 10.65
C THR F 127 -18.04 -5.47 11.51
N LEU F 128 -17.55 -6.56 10.95
CA LEU F 128 -17.42 -7.79 11.70
C LEU F 128 -16.30 -7.68 12.74
N ASP F 129 -16.55 -8.19 13.94
CA ASP F 129 -15.61 -8.12 15.06
C ASP F 129 -15.25 -9.56 15.44
N PHE F 130 -14.17 -10.08 14.85
CA PHE F 130 -13.72 -11.42 15.15
C PHE F 130 -12.66 -11.40 16.25
N LYS F 131 -12.24 -12.59 16.68
CA LYS F 131 -11.28 -12.70 17.75
C LYS F 131 -9.90 -12.27 17.26
N PRO F 132 -9.05 -11.73 18.16
CA PRO F 132 -7.67 -11.42 17.77
C PRO F 132 -6.93 -12.66 17.30
N GLY F 133 -5.99 -12.45 16.38
CA GLY F 133 -5.31 -13.54 15.71
C GLY F 133 -5.89 -13.87 14.35
N THR F 134 -7.07 -13.34 14.03
CA THR F 134 -7.69 -13.50 12.72
C THR F 134 -7.12 -12.55 11.69
N SER F 135 -6.17 -11.70 12.08
CA SER F 135 -5.58 -10.74 11.16
C SER F 135 -4.99 -11.45 9.96
N GLY F 136 -5.51 -11.13 8.78
CA GLY F 136 -5.12 -11.80 7.56
C GLY F 136 -6.17 -12.75 7.03
N SER F 137 -7.33 -12.85 7.67
CA SER F 137 -8.39 -13.71 7.16
C SER F 137 -8.88 -13.18 5.81
N PRO F 138 -9.09 -14.05 4.84
CA PRO F 138 -9.42 -13.59 3.49
C PRO F 138 -10.83 -13.01 3.41
N ILE F 139 -10.96 -11.98 2.56
CA ILE F 139 -12.25 -11.40 2.21
C ILE F 139 -12.55 -11.80 0.79
N ILE F 140 -13.63 -12.56 0.60
CA ILE F 140 -13.93 -13.22 -0.67
C ILE F 140 -15.18 -12.59 -1.27
N ASN F 141 -15.17 -12.42 -2.59
CA ASN F 141 -16.34 -11.94 -3.31
C ASN F 141 -17.18 -13.12 -3.76
N LYS F 142 -18.32 -12.83 -4.40
CA LYS F 142 -19.20 -13.89 -4.87
C LYS F 142 -18.50 -14.80 -5.86
N LYS F 143 -17.54 -14.27 -6.63
CA LYS F 143 -16.83 -15.06 -7.62
C LYS F 143 -15.82 -16.03 -7.00
N GLY F 144 -15.70 -16.08 -5.68
CA GLY F 144 -14.77 -17.01 -5.07
C GLY F 144 -13.32 -16.59 -5.15
N LYS F 145 -13.03 -15.29 -5.16
CA LYS F 145 -11.68 -14.78 -5.20
C LYS F 145 -11.46 -13.81 -4.05
N VAL F 146 -10.24 -13.78 -3.54
CA VAL F 146 -9.92 -12.94 -2.39
C VAL F 146 -9.76 -11.50 -2.85
N ILE F 147 -10.48 -10.59 -2.20
CA ILE F 147 -10.45 -9.17 -2.54
C ILE F 147 -9.87 -8.31 -1.43
N GLY F 148 -9.42 -8.93 -0.34
CA GLY F 148 -8.85 -8.15 0.74
C GLY F 148 -8.54 -9.03 1.93
N LEU F 149 -7.99 -8.40 2.97
CA LEU F 149 -7.60 -9.09 4.19
C LEU F 149 -8.24 -8.41 5.39
N TYR F 150 -8.77 -9.23 6.30
CA TYR F 150 -9.38 -8.74 7.52
C TYR F 150 -8.33 -8.63 8.62
N GLY F 151 -8.43 -7.57 9.42
CA GLY F 151 -7.53 -7.42 10.55
C GLY F 151 -7.16 -6.00 10.89
N ASN F 152 -6.90 -5.17 9.87
CA ASN F 152 -6.51 -3.79 10.06
C ASN F 152 -7.76 -2.92 10.02
N GLY F 153 -8.10 -2.33 11.16
CA GLY F 153 -9.30 -1.50 11.26
C GLY F 153 -9.25 -0.56 12.44
N VAL F 154 -10.42 -0.26 12.99
CA VAL F 154 -10.55 0.74 14.06
C VAL F 154 -11.73 0.35 14.95
N VAL F 155 -11.64 0.72 16.22
CA VAL F 155 -12.68 0.47 17.22
C VAL F 155 -13.31 1.79 17.65
N THR F 156 -14.59 1.72 18.01
CA THR F 156 -15.34 2.89 18.47
C THR F 156 -15.14 3.16 19.95
N LYS F 157 -14.06 2.65 20.55
CA LYS F 157 -13.77 2.84 21.96
C LYS F 157 -14.89 2.32 22.86
N SER F 158 -15.78 1.47 22.33
CA SER F 158 -16.84 0.91 23.16
C SER F 158 -17.11 -0.55 22.82
N GLY F 159 -16.15 -1.25 22.21
CA GLY F 159 -16.32 -2.63 21.81
C GLY F 159 -16.52 -2.84 20.32
N ASP F 160 -17.15 -1.90 19.63
CA ASP F 160 -17.51 -2.12 18.23
C ASP F 160 -16.27 -1.92 17.36
N TYR F 161 -15.74 -3.02 16.83
CA TYR F 161 -14.62 -3.00 15.89
C TYR F 161 -15.12 -2.98 14.45
N VAL F 162 -14.44 -2.21 13.59
CA VAL F 162 -14.67 -2.24 12.15
C VAL F 162 -13.32 -2.36 11.45
N SER F 163 -13.21 -3.29 10.50
CA SER F 163 -11.95 -3.53 9.80
C SER F 163 -12.04 -3.08 8.35
N ALA F 164 -10.97 -2.48 7.86
CA ALA F 164 -10.89 -2.08 6.47
C ALA F 164 -10.43 -3.25 5.61
N ILE F 165 -11.03 -3.36 4.42
CA ILE F 165 -10.63 -4.35 3.43
C ILE F 165 -9.28 -3.95 2.83
N THR F 166 -8.21 -4.55 3.34
CA THR F 166 -6.85 -4.19 2.92
C THR F 166 -6.49 -5.01 1.68
N GLN F 167 -6.35 -4.33 0.54
CA GLN F 167 -5.97 -4.95 -0.72
C GLN F 167 -4.94 -4.05 -1.39
N ALA F 168 -4.00 -4.67 -2.12
CA ALA F 168 -2.90 -3.93 -2.72
C ALA F 168 -3.32 -3.32 -4.06
N GLU F 169 -2.34 -2.81 -4.80
CA GLU F 169 -2.64 -2.18 -6.08
C GLU F 169 -1.95 -2.90 -7.21
N ARG F 170 -0.62 -2.91 -7.17
CA ARG F 170 0.18 -3.49 -8.23
C ARG F 170 -0.12 -4.98 -8.37
N ILE F 171 -0.15 -5.45 -9.62
CA ILE F 171 -0.42 -6.85 -9.90
C ILE F 171 0.82 -7.69 -9.59
N GLY G 27 19.34 -24.20 -58.84
CA GLY G 27 20.22 -23.63 -57.84
C GLY G 27 20.39 -22.13 -57.91
N SER G 28 19.27 -21.39 -57.82
CA SER G 28 19.30 -19.94 -57.84
C SER G 28 18.17 -19.42 -56.97
N ALA G 29 18.41 -18.27 -56.34
CA ALA G 29 17.44 -17.68 -55.42
C ALA G 29 17.08 -18.64 -54.29
N ASP G 30 17.99 -19.54 -53.94
CA ASP G 30 17.70 -20.54 -52.92
C ASP G 30 18.72 -20.49 -51.79
N LEU G 31 18.94 -21.63 -51.16
CA LEU G 31 19.80 -21.74 -49.99
C LEU G 31 20.40 -23.14 -49.98
N SER G 32 21.69 -23.23 -49.69
CA SER G 32 22.37 -24.51 -49.68
C SER G 32 22.79 -24.86 -48.26
N LEU G 33 23.16 -26.12 -48.08
CA LEU G 33 23.58 -26.66 -46.80
C LEU G 33 25.03 -27.09 -46.89
N GLU G 34 25.74 -26.95 -45.79
CA GLU G 34 27.15 -27.35 -45.68
C GLU G 34 27.36 -27.88 -44.27
N LYS G 35 27.57 -29.19 -44.15
CA LYS G 35 27.74 -29.78 -42.84
C LYS G 35 29.07 -29.34 -42.23
N ALA G 36 29.03 -29.06 -40.94
CA ALA G 36 30.19 -28.56 -40.19
C ALA G 36 30.52 -29.42 -38.98
N ALA G 37 29.51 -29.94 -38.29
CA ALA G 37 29.72 -30.74 -37.10
C ALA G 37 28.50 -31.63 -36.90
N ASN G 38 28.55 -32.47 -35.88
CA ASN G 38 27.46 -33.34 -35.51
C ASN G 38 27.04 -33.04 -34.09
N VAL G 39 25.80 -33.42 -33.76
CA VAL G 39 25.23 -33.15 -32.46
C VAL G 39 25.94 -33.99 -31.41
N GLN G 40 26.86 -33.38 -30.67
CA GLN G 40 27.60 -34.06 -29.61
C GLN G 40 27.86 -33.09 -28.47
N TRP G 41 27.82 -33.62 -27.25
CA TRP G 41 28.09 -32.84 -26.05
C TRP G 41 29.59 -32.91 -25.76
N ASP G 42 30.23 -31.74 -25.74
CA ASP G 42 31.66 -31.65 -25.45
C ASP G 42 31.82 -31.44 -23.95
N GLU G 43 32.40 -32.44 -23.26
CA GLU G 43 32.54 -32.37 -21.82
C GLU G 43 33.63 -31.39 -21.39
N MET G 44 34.59 -31.10 -22.26
CA MET G 44 35.68 -30.17 -21.98
C MET G 44 35.35 -28.74 -22.37
N ALA G 45 34.08 -28.36 -22.39
CA ALA G 45 33.70 -27.02 -22.82
C ALA G 45 33.84 -26.02 -21.68
N ASP G 46 34.18 -24.79 -22.05
CA ASP G 46 34.37 -23.70 -21.09
C ASP G 46 33.02 -23.22 -20.56
N ILE G 47 33.04 -22.75 -19.31
CA ILE G 47 31.84 -22.26 -18.65
C ILE G 47 31.92 -20.74 -18.50
N THR G 48 32.69 -20.09 -19.36
CA THR G 48 32.85 -18.64 -19.29
C THR G 48 31.59 -17.96 -19.82
N GLY G 49 31.21 -16.86 -19.18
CA GLY G 49 30.04 -16.12 -19.59
C GLY G 49 28.71 -16.75 -19.21
N SER G 50 28.67 -17.47 -18.09
CA SER G 50 27.48 -18.22 -17.71
C SER G 50 26.61 -17.42 -16.74
N SER G 51 26.10 -16.29 -17.24
CA SER G 51 25.23 -15.44 -16.44
C SER G 51 23.79 -15.92 -16.55
N PRO G 52 23.15 -16.34 -15.45
CA PRO G 52 21.74 -16.75 -15.50
C PRO G 52 20.78 -15.59 -15.23
N ILE G 53 20.83 -14.59 -16.10
CA ILE G 53 20.02 -13.39 -15.90
C ILE G 53 18.55 -13.71 -16.13
N ILE G 54 17.69 -12.99 -15.40
CA ILE G 54 16.25 -13.16 -15.49
C ILE G 54 15.67 -11.94 -16.17
N GLU G 55 15.05 -12.15 -17.32
CA GLU G 55 14.55 -11.07 -18.16
C GLU G 55 13.02 -11.02 -18.12
N VAL G 56 12.49 -9.88 -17.67
CA VAL G 56 11.05 -9.63 -17.59
C VAL G 56 10.71 -8.72 -18.76
N LYS G 57 10.11 -9.28 -19.81
CA LYS G 57 9.69 -8.50 -20.96
C LYS G 57 8.20 -8.18 -20.83
N GLN G 58 7.85 -6.92 -21.10
CA GLN G 58 6.46 -6.49 -21.03
C GLN G 58 6.23 -5.36 -22.03
N ASP G 59 4.95 -5.14 -22.35
CA ASP G 59 4.54 -4.11 -23.29
C ASP G 59 3.36 -3.33 -22.72
N GLU G 60 3.33 -2.02 -22.97
CA GLU G 60 2.21 -1.19 -22.55
C GLU G 60 1.55 -0.50 -23.74
N ASP G 61 1.31 -1.25 -24.81
CA ASP G 61 0.72 -0.75 -26.05
C ASP G 61 1.51 0.46 -26.58
N GLY G 62 2.72 0.14 -27.06
CA GLY G 62 3.64 1.14 -27.56
C GLY G 62 5.07 0.67 -27.51
N SER G 63 5.89 1.32 -26.69
CA SER G 63 7.27 0.89 -26.49
C SER G 63 7.28 -0.46 -25.78
N PHE G 64 8.46 -1.03 -25.56
CA PHE G 64 8.61 -2.33 -24.94
C PHE G 64 9.51 -2.20 -23.72
N SER G 65 9.11 -2.84 -22.63
CA SER G 65 9.82 -2.71 -21.36
C SER G 65 10.56 -4.01 -21.10
N ILE G 66 11.88 -3.89 -20.99
CA ILE G 66 12.77 -5.02 -20.76
C ILE G 66 13.60 -4.66 -19.55
N ARG G 67 13.38 -5.36 -18.44
CA ARG G 67 14.16 -5.17 -17.22
C ARG G 67 15.13 -6.33 -17.06
N ASP G 68 16.28 -6.05 -16.45
CA ASP G 68 17.33 -7.04 -16.31
C ASP G 68 17.66 -7.26 -14.85
N ILE G 69 17.56 -8.50 -14.41
CA ILE G 69 17.93 -8.91 -13.05
C ILE G 69 19.25 -9.66 -13.19
N GLU G 70 20.35 -9.02 -12.78
CA GLU G 70 21.66 -9.62 -12.89
C GLU G 70 22.07 -10.39 -11.65
N GLU G 71 21.84 -9.82 -10.46
CA GLU G 71 22.25 -10.39 -9.18
C GLU G 71 23.78 -10.56 -9.13
N THR G 72 24.45 -9.42 -9.05
CA THR G 72 25.90 -9.36 -8.97
C THR G 72 26.38 -9.44 -7.52
N ASN G 73 27.54 -10.05 -7.33
CA ASN G 73 28.10 -10.12 -5.99
C ASN G 73 28.63 -8.75 -5.59
N MET G 74 28.39 -8.38 -4.33
CA MET G 74 28.72 -7.03 -3.87
C MET G 74 29.22 -7.07 -2.43
N ILE G 75 30.40 -6.52 -2.21
CA ILE G 75 30.95 -6.34 -0.88
C ILE G 75 30.75 -4.89 -0.47
N ALA G 76 30.25 -4.68 0.75
CA ALA G 76 30.02 -3.32 1.24
C ALA G 76 31.32 -2.56 1.41
N GLN G 77 31.30 -1.27 1.10
CA GLN G 77 32.49 -0.44 1.24
C GLN G 77 32.08 1.02 1.43
N VAL G 78 32.82 1.71 2.29
CA VAL G 78 32.66 3.14 2.50
C VAL G 78 33.91 3.85 1.99
N LYS G 79 33.78 5.14 1.71
CA LYS G 79 34.90 5.94 1.25
C LYS G 79 35.63 6.58 2.42
N ALA H 3 14.79 -61.21 -57.81
CA ALA H 3 14.99 -61.72 -56.46
C ALA H 3 14.58 -60.73 -55.38
N LEU H 4 14.95 -59.47 -55.59
CA LEU H 4 14.66 -58.39 -54.65
C LEU H 4 13.18 -58.39 -54.26
N TRP H 5 12.91 -58.34 -52.95
CA TRP H 5 11.54 -58.54 -52.46
C TRP H 5 10.75 -57.24 -52.34
N ASP H 6 11.14 -56.18 -53.02
CA ASP H 6 10.36 -54.95 -52.89
C ASP H 6 9.97 -54.41 -54.26
N VAL H 7 9.07 -53.44 -54.22
CA VAL H 7 8.51 -52.76 -55.38
C VAL H 7 9.49 -51.69 -55.83
N PRO H 8 9.66 -51.49 -57.14
CA PRO H 8 10.77 -50.64 -57.63
C PRO H 8 10.71 -49.21 -57.13
N SER H 9 11.83 -48.78 -56.59
CA SER H 9 12.10 -47.41 -56.20
C SER H 9 12.67 -46.64 -57.39
N PRO H 10 12.46 -45.32 -57.43
CA PRO H 10 13.05 -44.52 -58.51
C PRO H 10 14.54 -44.34 -58.29
N ALA H 11 15.22 -43.91 -59.36
CA ALA H 11 16.65 -43.66 -59.28
C ALA H 11 16.94 -42.40 -58.47
N ALA H 12 16.13 -41.36 -58.67
CA ALA H 12 16.34 -40.07 -58.04
C ALA H 12 15.09 -39.65 -57.28
N THR H 13 15.28 -39.25 -56.03
CA THR H 13 14.22 -38.69 -55.19
C THR H 13 14.56 -37.22 -54.95
N GLN H 14 13.62 -36.34 -55.30
CA GLN H 14 13.85 -34.92 -55.05
C GLN H 14 13.89 -34.61 -53.56
N LYS H 15 13.25 -35.43 -52.73
CA LYS H 15 13.38 -35.28 -51.28
C LYS H 15 14.84 -35.50 -50.88
N ALA H 16 15.44 -34.45 -50.30
CA ALA H 16 16.85 -34.49 -49.97
C ALA H 16 17.13 -35.50 -48.86
N THR H 17 17.89 -36.55 -49.17
CA THR H 17 18.31 -37.50 -48.16
C THR H 17 19.55 -36.95 -47.45
N LEU H 18 19.42 -36.68 -46.14
CA LEU H 18 20.47 -36.05 -45.38
C LEU H 18 20.82 -36.86 -44.14
N SER H 19 22.04 -36.66 -43.65
CA SER H 19 22.52 -37.33 -42.45
C SER H 19 22.27 -36.44 -41.25
N GLU H 20 22.01 -37.06 -40.11
CA GLU H 20 21.72 -36.28 -38.90
C GLU H 20 22.96 -35.55 -38.43
N GLY H 21 22.80 -34.26 -38.14
CA GLY H 21 23.91 -33.45 -37.69
C GLY H 21 23.56 -31.98 -37.76
N VAL H 22 24.60 -31.16 -37.63
CA VAL H 22 24.49 -29.71 -37.68
C VAL H 22 25.02 -29.23 -39.03
N TYR H 23 24.26 -28.37 -39.69
CA TYR H 23 24.58 -27.91 -41.03
C TYR H 23 24.65 -26.39 -41.06
N ARG H 24 25.63 -25.87 -41.79
CA ARG H 24 25.70 -24.43 -42.06
C ARG H 24 24.81 -24.08 -43.24
N ILE H 25 24.07 -22.99 -43.13
CA ILE H 25 23.14 -22.53 -44.15
C ILE H 25 23.82 -21.42 -44.94
N MET H 26 24.25 -21.74 -46.16
CA MET H 26 24.99 -20.80 -46.99
C MET H 26 24.08 -20.14 -48.01
N GLN H 27 24.45 -18.92 -48.40
CA GLN H 27 23.71 -18.14 -49.40
C GLN H 27 24.68 -17.68 -50.47
N ARG H 28 24.43 -18.10 -51.72
CA ARG H 28 25.29 -17.70 -52.82
C ARG H 28 25.12 -16.21 -53.11
N GLY H 29 26.23 -15.49 -53.23
CA GLY H 29 26.19 -14.08 -53.52
C GLY H 29 27.25 -13.63 -54.49
N LEU H 30 27.49 -12.31 -54.53
CA LEU H 30 28.52 -11.78 -55.42
C LEU H 30 29.91 -12.26 -55.00
N PHE H 31 30.12 -12.49 -53.71
CA PHE H 31 31.42 -12.87 -53.18
C PHE H 31 31.46 -14.34 -52.77
N GLY H 32 30.68 -15.17 -53.42
CA GLY H 32 30.62 -16.57 -53.05
C GLY H 32 29.48 -16.85 -52.08
N LYS H 33 29.59 -17.98 -51.41
CA LYS H 33 28.57 -18.41 -50.48
C LYS H 33 28.89 -17.86 -49.09
N THR H 34 27.86 -17.33 -48.43
CA THR H 34 27.99 -16.75 -47.10
C THR H 34 27.07 -17.47 -46.12
N GLN H 35 27.61 -17.80 -44.95
CA GLN H 35 26.83 -18.48 -43.91
C GLN H 35 25.85 -17.48 -43.30
N VAL H 36 24.56 -17.69 -43.56
CA VAL H 36 23.51 -16.83 -42.99
C VAL H 36 22.88 -17.41 -41.74
N GLY H 37 23.05 -18.70 -41.48
CA GLY H 37 22.46 -19.28 -40.29
C GLY H 37 22.89 -20.71 -40.10
N VAL H 38 22.31 -21.34 -39.09
CA VAL H 38 22.64 -22.71 -38.72
C VAL H 38 21.34 -23.50 -38.61
N GLY H 39 21.42 -24.79 -38.92
CA GLY H 39 20.26 -25.66 -38.79
C GLY H 39 20.68 -27.05 -38.37
N ILE H 40 19.71 -27.78 -37.82
CA ILE H 40 19.92 -29.13 -37.32
C ILE H 40 18.95 -30.06 -38.05
N HIS H 41 19.50 -31.08 -38.71
CA HIS H 41 18.71 -32.12 -39.35
C HIS H 41 18.70 -33.34 -38.45
N MET H 42 17.52 -33.71 -37.96
CA MET H 42 17.37 -34.89 -37.11
C MET H 42 16.03 -35.56 -37.39
N ALA H 43 16.04 -36.90 -37.37
CA ALA H 43 14.84 -37.70 -37.63
C ALA H 43 14.22 -37.34 -38.98
N GLY H 44 15.09 -37.03 -39.95
CA GLY H 44 14.65 -36.73 -41.30
C GLY H 44 14.07 -35.34 -41.51
N VAL H 45 14.11 -34.48 -40.50
CA VAL H 45 13.56 -33.13 -40.59
C VAL H 45 14.66 -32.12 -40.29
N PHE H 46 14.73 -31.07 -41.09
CA PHE H 46 15.71 -30.00 -40.91
C PHE H 46 15.08 -28.87 -40.11
N HIS H 47 15.67 -28.55 -38.97
CA HIS H 47 15.15 -27.53 -38.07
C HIS H 47 16.07 -26.31 -38.10
N THR H 48 15.48 -25.14 -38.27
CA THR H 48 16.24 -23.89 -38.26
C THR H 48 15.32 -22.75 -37.85
N MET H 49 15.85 -21.54 -37.86
CA MET H 49 15.12 -20.35 -37.44
CA MET H 49 15.10 -20.36 -37.44
C MET H 49 14.42 -19.71 -38.63
N TRP H 50 13.31 -19.01 -38.35
CA TRP H 50 12.53 -18.40 -39.42
C TRP H 50 13.30 -17.27 -40.09
N HIS H 51 13.81 -16.32 -39.30
CA HIS H 51 14.49 -15.16 -39.88
C HIS H 51 15.71 -15.54 -40.69
N VAL H 52 16.23 -16.76 -40.52
CA VAL H 52 17.40 -17.19 -41.27
C VAL H 52 17.03 -17.39 -42.73
N THR H 53 16.11 -18.31 -43.00
CA THR H 53 15.74 -18.66 -44.37
C THR H 53 14.55 -17.87 -44.88
N ARG H 54 13.65 -17.47 -43.99
CA ARG H 54 12.40 -16.80 -44.36
C ARG H 54 11.60 -17.64 -45.35
N GLY H 55 11.73 -18.97 -45.28
CA GLY H 55 10.92 -19.87 -46.07
C GLY H 55 11.55 -20.36 -47.36
N SER H 56 12.70 -19.82 -47.75
CA SER H 56 13.33 -20.25 -48.99
C SER H 56 13.70 -21.72 -48.93
N VAL H 57 13.54 -22.42 -50.05
CA VAL H 57 13.87 -23.84 -50.14
C VAL H 57 15.37 -24.02 -50.01
N ILE H 58 15.78 -25.19 -49.50
CA ILE H 58 17.18 -25.51 -49.31
C ILE H 58 17.57 -26.60 -50.31
N CYS H 59 18.69 -26.36 -51.00
CA CYS H 59 19.20 -27.26 -52.03
C CYS H 59 20.42 -28.01 -51.53
N HIS H 60 20.52 -29.28 -51.94
CA HIS H 60 21.64 -30.16 -51.59
C HIS H 60 21.97 -30.99 -52.80
N GLU H 61 23.12 -31.69 -52.75
CA GLU H 61 23.46 -32.56 -53.86
C GLU H 61 22.59 -33.81 -53.94
N THR H 62 21.59 -33.93 -53.07
CA THR H 62 20.68 -35.06 -53.09
C THR H 62 19.25 -34.68 -53.42
N GLY H 63 18.89 -33.42 -53.23
CA GLY H 63 17.54 -32.97 -53.47
C GLY H 63 17.29 -31.67 -52.76
N ARG H 64 16.13 -31.09 -53.04
CA ARG H 64 15.72 -29.81 -52.47
C ARG H 64 14.76 -30.05 -51.31
N LEU H 65 15.08 -29.46 -50.15
CA LEU H 65 14.19 -29.49 -49.00
C LEU H 65 13.19 -28.34 -49.09
N GLU H 66 11.91 -28.65 -48.97
CA GLU H 66 10.94 -27.58 -48.92
C GLU H 66 10.38 -27.50 -47.52
N PRO H 67 10.25 -26.31 -46.94
CA PRO H 67 9.77 -26.21 -45.57
C PRO H 67 8.31 -26.63 -45.47
N SER H 68 7.93 -27.02 -44.27
CA SER H 68 6.58 -27.50 -44.00
C SER H 68 5.88 -26.75 -42.88
N TRP H 69 6.62 -26.17 -41.94
CA TRP H 69 6.01 -25.49 -40.80
C TRP H 69 6.93 -24.36 -40.33
N ALA H 70 6.30 -23.28 -39.86
CA ALA H 70 7.03 -22.11 -39.38
C ALA H 70 6.23 -21.42 -38.28
N ASP H 71 6.96 -20.69 -37.43
CA ASP H 71 6.35 -19.91 -36.34
C ASP H 71 7.04 -18.57 -36.29
N VAL H 72 6.44 -17.56 -36.92
CA VAL H 72 7.10 -16.27 -37.01
C VAL H 72 7.17 -15.60 -35.63
N ARG H 73 6.25 -15.94 -34.73
CA ARG H 73 6.27 -15.35 -33.40
C ARG H 73 7.37 -15.95 -32.53
N ASN H 74 7.70 -17.23 -32.73
CA ASN H 74 8.77 -17.87 -31.97
C ASN H 74 10.02 -18.07 -32.80
N ASP H 75 10.02 -17.62 -34.06
CA ASP H 75 11.20 -17.62 -34.92
C ASP H 75 11.76 -19.03 -35.11
N MET H 76 10.89 -19.91 -35.62
CA MET H 76 11.26 -21.29 -35.90
C MET H 76 10.62 -21.73 -37.20
N ILE H 77 11.29 -22.64 -37.91
CA ILE H 77 10.79 -23.18 -39.17
C ILE H 77 11.41 -24.55 -39.38
N SER H 78 10.61 -25.48 -39.92
CA SER H 78 11.05 -26.84 -40.18
C SER H 78 10.93 -27.14 -41.67
N TYR H 79 11.78 -28.04 -42.15
CA TYR H 79 11.85 -28.41 -43.56
C TYR H 79 11.64 -29.92 -43.71
N GLY H 80 10.68 -30.29 -44.55
CA GLY H 80 10.43 -31.70 -44.81
C GLY H 80 9.69 -32.42 -43.71
N GLY H 81 8.86 -31.71 -42.93
CA GLY H 81 8.12 -32.34 -41.86
C GLY H 81 7.96 -31.45 -40.63
N GLY H 82 7.23 -31.95 -39.63
CA GLY H 82 7.02 -31.19 -38.41
C GLY H 82 8.24 -31.16 -37.51
N TRP H 83 8.16 -30.30 -36.49
CA TRP H 83 9.23 -30.13 -35.51
C TRP H 83 9.38 -31.41 -34.69
N ARG H 84 10.52 -32.08 -34.83
CA ARG H 84 10.78 -33.33 -34.11
C ARG H 84 11.55 -33.13 -32.81
N LEU H 85 12.02 -31.92 -32.52
CA LEU H 85 12.75 -31.64 -31.29
C LEU H 85 11.74 -31.47 -30.15
N GLY H 86 11.56 -32.52 -29.35
CA GLY H 86 10.56 -32.47 -28.30
C GLY H 86 11.12 -32.16 -26.93
N ASP H 87 12.40 -32.43 -26.72
CA ASP H 87 13.04 -32.22 -25.43
C ASP H 87 13.17 -30.73 -25.15
N LYS H 88 12.62 -30.29 -24.03
CA LYS H 88 12.72 -28.90 -23.58
C LYS H 88 13.68 -28.82 -22.39
N TRP H 89 14.10 -27.60 -22.08
CA TRP H 89 15.06 -27.39 -21.00
C TRP H 89 14.35 -27.34 -19.65
N ASP H 90 14.83 -28.15 -18.71
CA ASP H 90 14.39 -28.07 -17.32
C ASP H 90 15.26 -27.04 -16.59
N LYS H 91 14.61 -26.24 -15.75
CA LYS H 91 15.33 -25.19 -15.03
C LYS H 91 16.45 -25.77 -14.18
N GLU H 92 17.49 -24.96 -13.98
CA GLU H 92 18.63 -25.29 -13.13
C GLU H 92 19.45 -26.46 -13.70
N GLU H 93 19.68 -26.45 -15.01
CA GLU H 93 20.56 -27.41 -15.65
C GLU H 93 21.46 -26.67 -16.62
N ASP H 94 22.76 -26.95 -16.57
CA ASP H 94 23.70 -26.31 -17.48
C ASP H 94 23.52 -26.84 -18.90
N VAL H 95 23.70 -25.96 -19.88
CA VAL H 95 23.54 -26.30 -21.28
C VAL H 95 24.81 -25.91 -22.04
N GLN H 96 24.93 -26.43 -23.26
CA GLN H 96 26.02 -26.10 -24.17
C GLN H 96 25.46 -25.64 -25.50
N VAL H 97 26.10 -24.62 -26.08
CA VAL H 97 25.75 -24.10 -27.39
C VAL H 97 26.82 -24.51 -28.38
N LEU H 98 26.43 -25.26 -29.42
CA LEU H 98 27.36 -25.69 -30.47
C LEU H 98 27.37 -24.62 -31.55
N ALA H 99 28.05 -23.51 -31.24
CA ALA H 99 28.06 -22.34 -32.09
C ALA H 99 28.83 -22.61 -33.39
N ILE H 100 28.17 -22.41 -34.52
CA ILE H 100 28.80 -22.52 -35.82
C ILE H 100 29.01 -21.12 -36.38
N GLU H 101 30.11 -20.48 -35.98
CA GLU H 101 30.39 -19.14 -36.48
C GLU H 101 30.88 -19.22 -37.92
N PRO H 102 30.53 -18.24 -38.76
CA PRO H 102 30.92 -18.32 -40.17
C PRO H 102 32.43 -18.33 -40.34
N GLY H 103 32.92 -19.34 -41.06
CA GLY H 103 34.35 -19.46 -41.30
C GLY H 103 35.11 -20.17 -40.19
N LYS H 104 34.75 -19.87 -38.95
CA LYS H 104 35.42 -20.47 -37.80
C LYS H 104 34.90 -21.88 -37.56
N ASN H 105 35.71 -22.68 -36.88
CA ASN H 105 35.35 -24.05 -36.57
C ASN H 105 34.25 -24.08 -35.51
N PRO H 106 33.52 -25.20 -35.40
CA PRO H 106 32.51 -25.32 -34.34
C PRO H 106 33.12 -25.15 -32.95
N LYS H 107 32.38 -24.48 -32.08
CA LYS H 107 32.85 -24.17 -30.74
C LYS H 107 31.76 -24.47 -29.72
N HIS H 108 32.10 -25.25 -28.70
CA HIS H 108 31.18 -25.59 -27.62
C HIS H 108 31.44 -24.71 -26.41
N VAL H 109 30.39 -24.07 -25.90
CA VAL H 109 30.46 -23.22 -24.71
C VAL H 109 29.31 -23.59 -23.78
N GLN H 110 29.63 -23.79 -22.51
CA GLN H 110 28.64 -24.18 -21.51
C GLN H 110 28.22 -22.99 -20.65
N THR H 111 26.95 -22.96 -20.27
CA THR H 111 26.39 -21.87 -19.48
C THR H 111 25.25 -22.37 -18.60
N LYS H 112 24.95 -21.59 -17.56
CA LYS H 112 23.78 -21.81 -16.72
C LYS H 112 22.70 -20.84 -17.14
N PRO H 113 21.68 -21.28 -17.89
CA PRO H 113 20.72 -20.33 -18.46
C PRO H 113 19.87 -19.66 -17.40
N GLY H 114 19.40 -18.46 -17.75
CA GLY H 114 18.43 -17.73 -16.96
C GLY H 114 17.01 -18.02 -17.43
N LEU H 115 16.12 -17.05 -17.25
CA LEU H 115 14.74 -17.18 -17.67
C LEU H 115 14.27 -15.93 -18.36
N PHE H 116 13.46 -16.11 -19.41
CA PHE H 116 12.78 -15.03 -20.11
C PHE H 116 11.31 -15.11 -19.71
N LYS H 117 10.92 -14.36 -18.69
CA LYS H 117 9.53 -14.40 -18.23
C LYS H 117 8.70 -13.54 -19.18
N THR H 118 8.13 -14.19 -20.19
CA THR H 118 7.23 -13.53 -21.12
C THR H 118 6.21 -14.54 -21.62
N LEU H 119 5.06 -14.03 -22.07
CA LEU H 119 4.05 -14.86 -22.73
C LEU H 119 3.58 -15.98 -21.80
N THR H 120 3.13 -15.59 -20.61
CA THR H 120 2.75 -16.50 -19.52
C THR H 120 3.64 -17.74 -19.49
N GLY H 121 4.95 -17.50 -19.45
CA GLY H 121 5.90 -18.59 -19.38
C GLY H 121 7.31 -18.05 -19.22
N GLU H 122 8.25 -19.00 -19.12
CA GLU H 122 9.65 -18.68 -18.84
C GLU H 122 10.50 -19.40 -19.88
N ILE H 123 11.31 -18.63 -20.61
CA ILE H 123 12.16 -19.15 -21.67
C ILE H 123 13.62 -19.01 -21.23
N GLY H 124 14.42 -20.05 -21.51
CA GLY H 124 15.81 -20.03 -21.09
C GLY H 124 16.57 -18.87 -21.70
N ALA H 125 17.48 -18.31 -20.90
CA ALA H 125 18.24 -17.12 -21.27
C ALA H 125 19.72 -17.46 -21.31
N VAL H 126 20.28 -17.48 -22.52
CA VAL H 126 21.70 -17.76 -22.72
C VAL H 126 22.43 -16.43 -22.89
N THR H 127 23.46 -16.21 -22.08
CA THR H 127 24.20 -14.95 -22.06
C THR H 127 25.31 -14.90 -23.09
N LEU H 128 25.47 -15.93 -23.92
CA LEU H 128 26.54 -15.95 -24.90
C LEU H 128 26.25 -14.99 -26.05
N ASP H 129 27.30 -14.29 -26.49
CA ASP H 129 27.24 -13.31 -27.57
C ASP H 129 28.17 -13.79 -28.68
N PHE H 130 27.62 -14.55 -29.63
CA PHE H 130 28.41 -15.04 -30.75
C PHE H 130 28.31 -14.10 -31.95
N LYS H 131 29.09 -14.41 -32.98
CA LYS H 131 29.09 -13.58 -34.17
C LYS H 131 27.80 -13.77 -34.96
N PRO H 132 27.38 -12.76 -35.72
CA PRO H 132 26.20 -12.91 -36.57
C PRO H 132 26.37 -14.06 -37.55
N GLY H 133 25.26 -14.69 -37.90
CA GLY H 133 25.26 -15.90 -38.69
C GLY H 133 25.14 -17.18 -37.90
N THR H 134 25.30 -17.10 -36.58
CA THR H 134 25.16 -18.27 -35.70
C THR H 134 23.70 -18.60 -35.39
N SER H 135 22.74 -17.84 -35.91
CA SER H 135 21.33 -18.10 -35.65
C SER H 135 20.95 -19.51 -36.06
N GLY H 136 20.49 -20.31 -35.10
CA GLY H 136 20.17 -21.70 -35.33
C GLY H 136 21.16 -22.67 -34.75
N SER H 137 22.19 -22.20 -34.04
CA SER H 137 23.14 -23.11 -33.43
C SER H 137 22.45 -23.94 -32.35
N PRO H 138 22.70 -25.24 -32.29
CA PRO H 138 21.95 -26.10 -31.36
C PRO H 138 22.34 -25.84 -29.92
N ILE H 139 21.36 -25.95 -29.03
CA ILE H 139 21.56 -25.90 -27.59
C ILE H 139 21.33 -27.31 -27.06
N ILE H 140 22.37 -27.91 -26.49
CA ILE H 140 22.37 -29.33 -26.12
C ILE H 140 22.43 -29.46 -24.61
N ASN H 141 21.66 -30.42 -24.08
CA ASN H 141 21.72 -30.75 -22.66
C ASN H 141 22.75 -31.85 -22.41
N LYS H 142 22.94 -32.20 -21.13
CA LYS H 142 23.92 -33.22 -20.78
C LYS H 142 23.63 -34.55 -21.45
N LYS H 143 22.35 -34.84 -21.72
CA LYS H 143 21.97 -36.11 -22.34
C LYS H 143 22.30 -36.17 -23.83
N GLY H 144 22.89 -35.12 -24.40
CA GLY H 144 23.23 -35.13 -25.81
C GLY H 144 22.09 -34.92 -26.78
N LYS H 145 21.07 -34.17 -26.37
CA LYS H 145 19.92 -33.90 -27.22
C LYS H 145 19.69 -32.39 -27.30
N VAL H 146 19.18 -31.94 -28.45
CA VAL H 146 18.99 -30.51 -28.68
C VAL H 146 17.72 -30.06 -27.96
N ILE H 147 17.86 -29.02 -27.14
CA ILE H 147 16.74 -28.48 -26.37
C ILE H 147 16.36 -27.07 -26.79
N GLY H 148 17.00 -26.52 -27.82
CA GLY H 148 16.65 -25.18 -28.26
C GLY H 148 17.59 -24.71 -29.34
N LEU H 149 17.34 -23.48 -29.80
CA LEU H 149 18.12 -22.86 -30.86
C LEU H 149 18.61 -21.49 -30.40
N TYR H 150 19.87 -21.20 -30.70
CA TYR H 150 20.49 -19.92 -30.40
C TYR H 150 20.28 -18.96 -31.57
N GLY H 151 20.02 -17.70 -31.25
CA GLY H 151 19.88 -16.68 -32.28
C GLY H 151 18.88 -15.60 -31.97
N ASN H 152 17.73 -15.99 -31.40
CA ASN H 152 16.67 -15.04 -31.08
C ASN H 152 16.87 -14.54 -29.66
N GLY H 153 17.20 -13.25 -29.53
CA GLY H 153 17.45 -12.68 -28.23
C GLY H 153 17.34 -11.17 -28.21
N VAL H 154 18.11 -10.56 -27.30
CA VAL H 154 18.06 -9.12 -27.04
C VAL H 154 19.45 -8.71 -26.59
N VAL H 155 19.76 -7.42 -26.75
CA VAL H 155 21.06 -6.89 -26.32
C VAL H 155 20.86 -6.01 -25.10
N THR H 156 21.65 -6.26 -24.06
CA THR H 156 21.66 -5.46 -22.86
C THR H 156 22.72 -4.38 -22.98
N LYS H 157 22.45 -3.20 -22.40
CA LYS H 157 23.34 -2.05 -22.46
C LYS H 157 23.85 -1.85 -23.89
N SER H 158 25.17 -1.88 -24.09
CA SER H 158 25.79 -1.82 -25.41
C SER H 158 26.96 -2.79 -25.39
N GLY H 159 26.76 -3.97 -25.97
CA GLY H 159 27.78 -4.98 -25.89
C GLY H 159 27.18 -6.34 -25.55
N ASP H 160 26.63 -6.45 -24.34
CA ASP H 160 26.18 -7.73 -23.81
C ASP H 160 24.88 -8.15 -24.49
N TYR H 161 24.97 -9.17 -25.33
CA TYR H 161 23.84 -9.84 -25.96
C TYR H 161 23.40 -11.05 -25.15
N VAL H 162 22.09 -11.30 -25.08
CA VAL H 162 21.53 -12.50 -24.48
C VAL H 162 20.50 -13.10 -25.43
N SER H 163 20.59 -14.39 -25.67
CA SER H 163 19.69 -15.09 -26.58
C SER H 163 18.77 -16.04 -25.82
N ALA H 164 17.50 -16.07 -26.22
CA ALA H 164 16.54 -17.00 -25.63
C ALA H 164 16.63 -18.36 -26.30
N ILE H 165 16.49 -19.40 -25.48
CA ILE H 165 16.44 -20.79 -25.95
C ILE H 165 15.12 -21.05 -26.65
N THR H 166 15.11 -21.02 -27.98
CA THR H 166 13.89 -21.17 -28.75
C THR H 166 13.61 -22.65 -28.96
N GLN H 167 12.52 -23.15 -28.37
CA GLN H 167 12.12 -24.54 -28.52
C GLN H 167 10.61 -24.62 -28.71
N ALA H 168 10.18 -25.61 -29.48
CA ALA H 168 8.77 -25.81 -29.81
C ALA H 168 8.09 -26.66 -28.74
N GLU H 169 6.98 -26.14 -28.20
CA GLU H 169 6.22 -26.84 -27.17
C GLU H 169 5.97 -28.31 -27.51
N ARG H 170 5.36 -28.57 -28.66
CA ARG H 170 4.89 -29.90 -29.03
C ARG H 170 5.63 -30.41 -30.26
N ILE H 171 5.27 -31.62 -30.68
CA ILE H 171 5.87 -32.29 -31.83
C ILE H 171 4.75 -32.95 -32.64
N GLY H 172 5.11 -33.44 -33.82
CA GLY H 172 4.16 -34.11 -34.70
C GLY H 172 4.58 -35.54 -34.98
N GLU H 173 3.61 -36.45 -34.96
CA GLU H 173 3.89 -37.86 -35.21
C GLU H 173 4.39 -38.11 -36.63
#